data_2HZ4
#
_entry.id   2HZ4
#
_cell.length_a   185.447
_cell.length_b   58.853
_cell.length_c   103.977
_cell.angle_alpha   90.000
_cell.angle_beta   119.020
_cell.angle_gamma   90.000
#
_symmetry.space_group_name_H-M   'C 1 2 1'
#
loop_
_entity.id
_entity.type
_entity.pdbx_description
1 polymer 'Proto-oncogene tyrosine-protein kinase ABL1'
2 non-polymer 1,2,3,4-TETRAHYDROGEN-STAUROSPORINE
3 water water
#
_entity_poly.entity_id   1
_entity_poly.type   'polypeptide(L)'
_entity_poly.pdbx_seq_one_letter_code
;VSPNYDKWEMERTDITMKHKLGGGQYGEVYEGVWKKYSLTVAVKTLKEDTMEVEEFLKEAAVMKEIKHPNLVQLLGVCTR
EPPFYIITEFMTYGNLLDYLRECNRQEVNAVVLLYMATQISSAMEYLEKKNFIHRDLAARNCLVGENHLVKVADFGLSRL
MTGDTYTAHAGAKFPIKWTAPESLAYNKFSIKSDVWAFGVLLWEIATYGMSPYPGIDLSQVYELLEKDYRMERPEGCPEK
VYELMRACWQWNPSDRPSFAEIHQAFETMFQES
;
_entity_poly.pdbx_strand_id   A,B,C
#
# COMPACT_ATOMS: atom_id res chain seq x y z
N LYS A 7 5.35 -3.26 13.45
CA LYS A 7 5.11 -4.52 12.71
C LYS A 7 3.65 -4.90 12.66
N TRP A 8 3.40 -5.78 11.70
CA TRP A 8 2.14 -6.44 11.37
C TRP A 8 2.16 -7.87 11.88
N GLU A 9 3.37 -8.41 12.03
CA GLU A 9 3.63 -9.58 12.84
C GLU A 9 2.81 -9.65 14.13
N MET A 10 2.11 -10.77 14.27
CA MET A 10 1.18 -10.98 15.37
C MET A 10 1.02 -12.50 15.66
N GLU A 11 0.15 -12.83 16.61
CA GLU A 11 0.14 -14.15 17.23
C GLU A 11 -0.96 -15.04 16.64
N ARG A 12 -0.52 -16.00 15.83
CA ARG A 12 -1.27 -17.20 15.38
C ARG A 12 -2.46 -17.61 16.23
N THR A 13 -2.20 -17.82 17.53
CA THR A 13 -3.15 -18.35 18.51
C THR A 13 -4.42 -17.53 18.69
N ASP A 14 -4.35 -16.22 18.42
CA ASP A 14 -5.54 -15.35 18.48
C ASP A 14 -6.67 -15.70 17.47
N ILE A 15 -6.40 -16.56 16.46
CA ILE A 15 -7.35 -16.81 15.37
C ILE A 15 -7.96 -18.22 15.41
N THR A 16 -9.26 -18.30 15.72
CA THR A 16 -10.04 -19.53 15.46
C THR A 16 -10.19 -19.65 13.95
N MET A 17 -9.68 -20.72 13.33
CA MET A 17 -9.96 -21.00 11.91
C MET A 17 -11.39 -21.58 11.72
N LYS A 18 -11.90 -21.54 10.47
CA LYS A 18 -13.23 -22.12 10.11
C LYS A 18 -13.27 -22.99 8.84
N HIS A 19 -13.13 -22.42 7.63
CA HIS A 19 -13.29 -23.21 6.38
C HIS A 19 -12.82 -22.50 5.13
N LYS A 20 -12.68 -23.27 4.05
CA LYS A 20 -12.24 -22.77 2.71
C LYS A 20 -13.13 -21.68 2.15
N LEU A 21 -12.57 -20.91 1.21
CA LEU A 21 -13.16 -19.66 0.71
C LEU A 21 -13.16 -19.68 -0.81
N GLY A 27 -1.82 -21.23 -2.97
CA GLY A 27 -2.20 -21.20 -1.56
C GLY A 27 -3.66 -20.79 -1.29
N GLU A 28 -4.19 -21.24 -0.14
CA GLU A 28 -5.65 -21.21 0.17
C GLU A 28 -6.07 -20.10 1.16
N VAL A 29 -7.34 -19.67 1.05
CA VAL A 29 -7.98 -18.65 1.90
C VAL A 29 -9.03 -19.32 2.80
N TYR A 30 -9.12 -18.87 4.05
CA TYR A 30 -10.02 -19.45 5.04
C TYR A 30 -10.72 -18.33 5.76
N GLU A 31 -12.00 -18.53 6.10
CA GLU A 31 -12.66 -17.67 7.08
C GLU A 31 -12.00 -17.91 8.45
N GLY A 32 -11.68 -16.83 9.15
CA GLY A 32 -11.11 -16.86 10.51
C GLY A 32 -11.84 -15.90 11.46
N VAL A 33 -11.57 -16.06 12.76
CA VAL A 33 -12.09 -15.20 13.83
C VAL A 33 -10.95 -14.79 14.78
N TRP A 34 -10.67 -13.48 14.84
CA TRP A 34 -9.66 -12.92 15.74
C TRP A 34 -10.35 -12.81 17.13
N LYS A 35 -10.26 -13.91 17.91
CA LYS A 35 -10.84 -14.08 19.28
C LYS A 35 -10.92 -12.79 20.13
N LYS A 36 -9.76 -12.15 20.26
CA LYS A 36 -9.52 -10.90 21.02
C LYS A 36 -10.54 -9.76 20.73
N TYR A 37 -10.91 -9.60 19.46
CA TYR A 37 -11.74 -8.48 18.97
C TYR A 37 -13.09 -8.91 18.35
N SER A 38 -13.64 -10.04 18.83
CA SER A 38 -14.91 -10.67 18.33
C SER A 38 -15.13 -10.67 16.78
N LEU A 39 -14.03 -10.65 16.03
CA LEU A 39 -13.99 -10.14 14.64
C LEU A 39 -13.76 -11.22 13.60
N THR A 40 -14.62 -11.29 12.57
CA THR A 40 -14.35 -12.16 11.41
C THR A 40 -13.33 -11.51 10.45
N VAL A 41 -12.43 -12.38 9.96
CA VAL A 41 -11.30 -12.05 9.08
C VAL A 41 -11.16 -13.08 7.97
N ALA A 42 -10.46 -12.71 6.91
CA ALA A 42 -9.97 -13.68 5.92
C ALA A 42 -8.52 -13.97 6.29
N VAL A 43 -8.12 -15.24 6.29
CA VAL A 43 -6.71 -15.61 6.41
C VAL A 43 -6.30 -16.44 5.17
N LYS A 44 -5.47 -15.83 4.30
CA LYS A 44 -4.75 -16.55 3.22
C LYS A 44 -3.54 -17.22 3.85
N THR A 45 -3.47 -18.53 3.67
CA THR A 45 -2.48 -19.41 4.28
C THR A 45 -1.51 -19.96 3.22
N LEU A 46 -0.35 -20.46 3.67
CA LEU A 46 0.59 -21.21 2.81
C LEU A 46 1.11 -22.48 3.52
N LYS A 47 0.89 -23.64 2.89
CA LYS A 47 1.35 -24.94 3.43
C LYS A 47 2.90 -25.03 3.44
N GLU A 48 3.47 -25.00 4.66
CA GLU A 48 4.93 -25.08 4.98
C GLU A 48 6.03 -25.27 3.89
N ASP A 49 6.13 -26.48 3.32
CA ASP A 49 7.19 -26.83 2.35
C ASP A 49 7.13 -26.08 1.02
N THR A 50 5.96 -26.12 0.36
CA THR A 50 5.75 -25.65 -1.05
C THR A 50 6.20 -24.19 -1.30
N MET A 51 7.29 -24.05 -2.10
CA MET A 51 8.05 -22.80 -2.27
C MET A 51 7.43 -21.85 -3.34
N GLU A 52 6.24 -21.35 -3.01
CA GLU A 52 5.83 -19.99 -3.37
C GLU A 52 6.09 -19.08 -2.13
N VAL A 53 7.10 -19.42 -1.32
CA VAL A 53 7.52 -18.66 -0.13
C VAL A 53 8.04 -17.28 -0.57
N GLU A 54 8.85 -17.30 -1.62
CA GLU A 54 9.26 -16.11 -2.40
C GLU A 54 8.04 -15.27 -2.75
N GLU A 55 7.13 -15.89 -3.49
CA GLU A 55 5.98 -15.20 -4.12
C GLU A 55 4.86 -14.71 -3.16
N PHE A 56 4.73 -15.36 -1.99
CA PHE A 56 3.70 -15.09 -0.95
C PHE A 56 4.11 -13.97 0.04
N LEU A 57 5.36 -13.98 0.46
CA LEU A 57 5.99 -12.85 1.18
C LEU A 57 6.00 -11.56 0.36
N LYS A 58 6.18 -11.68 -0.97
CA LYS A 58 6.09 -10.51 -1.87
C LYS A 58 4.70 -9.89 -1.86
N GLU A 59 3.66 -10.73 -1.88
CA GLU A 59 2.29 -10.26 -1.77
C GLU A 59 2.09 -9.49 -0.47
N ALA A 60 2.44 -10.12 0.64
CA ALA A 60 2.41 -9.49 1.95
C ALA A 60 3.14 -8.13 1.99
N ALA A 61 4.37 -8.09 1.48
CA ALA A 61 5.20 -6.86 1.43
C ALA A 61 4.52 -5.72 0.66
N VAL A 62 3.85 -6.08 -0.43
CA VAL A 62 3.13 -5.13 -1.27
C VAL A 62 1.98 -4.54 -0.45
N MET A 63 1.09 -5.42 0.03
CA MET A 63 -0.06 -5.06 0.89
C MET A 63 0.25 -4.10 2.03
N LYS A 64 1.39 -4.30 2.72
CA LYS A 64 1.90 -3.37 3.74
C LYS A 64 2.00 -1.91 3.28
N GLU A 65 2.47 -1.69 2.04
CA GLU A 65 2.65 -0.34 1.44
C GLU A 65 1.41 0.38 0.93
N ILE A 66 0.29 -0.34 0.80
CA ILE A 66 -0.97 0.17 0.21
C ILE A 66 -2.08 0.23 1.25
N LYS A 67 -2.95 1.23 1.13
CA LYS A 67 -4.00 1.52 2.11
C LYS A 67 -5.00 2.50 1.46
N HIS A 68 -6.27 2.12 1.41
CA HIS A 68 -7.29 2.89 0.67
C HIS A 68 -8.64 2.19 0.96
N PRO A 69 -9.74 2.93 1.13
CA PRO A 69 -11.01 2.25 1.54
C PRO A 69 -11.66 1.29 0.51
N ASN A 70 -11.10 1.26 -0.71
CA ASN A 70 -11.47 0.39 -1.85
C ASN A 70 -10.35 -0.61 -2.25
N LEU A 71 -9.42 -0.88 -1.32
CA LEU A 71 -8.47 -1.97 -1.43
C LEU A 71 -8.59 -2.85 -0.19
N VAL A 72 -8.69 -4.16 -0.36
CA VAL A 72 -8.82 -5.07 0.79
C VAL A 72 -7.63 -4.85 1.70
N GLN A 73 -7.87 -4.70 3.00
CA GLN A 73 -6.87 -4.19 3.95
C GLN A 73 -6.17 -5.33 4.67
N LEU A 74 -4.84 -5.32 4.60
CA LEU A 74 -4.00 -6.18 5.43
C LEU A 74 -4.16 -5.76 6.90
N LEU A 75 -4.66 -6.68 7.72
CA LEU A 75 -4.75 -6.47 9.17
C LEU A 75 -3.52 -7.00 9.88
N GLY A 76 -3.00 -8.15 9.45
CA GLY A 76 -1.83 -8.75 10.12
C GLY A 76 -1.26 -9.97 9.45
N VAL A 77 -0.11 -10.43 9.97
CA VAL A 77 0.63 -11.58 9.37
C VAL A 77 1.32 -12.49 10.38
N CYS A 78 1.58 -13.72 9.94
CA CYS A 78 2.49 -14.67 10.61
C CYS A 78 3.52 -15.20 9.60
N THR A 79 4.72 -14.59 9.62
CA THR A 79 5.83 -14.92 8.70
C THR A 79 7.16 -15.26 9.40
N ARG A 80 7.17 -15.31 10.75
CA ARG A 80 8.33 -15.75 11.51
C ARG A 80 8.53 -17.23 11.26
N GLU A 81 7.42 -17.98 11.39
CA GLU A 81 7.40 -19.45 11.54
C GLU A 81 6.23 -19.99 10.70
N PRO A 82 6.43 -20.95 9.79
CA PRO A 82 5.28 -21.68 9.16
C PRO A 82 4.28 -22.41 10.14
N PRO A 83 3.19 -23.02 9.63
CA PRO A 83 2.35 -22.49 8.50
C PRO A 83 2.18 -20.97 8.41
N PHE A 84 2.55 -20.35 7.29
CA PHE A 84 2.47 -18.88 7.15
C PHE A 84 1.03 -18.38 6.96
N TYR A 85 0.71 -17.20 7.56
CA TYR A 85 -0.64 -16.52 7.49
C TYR A 85 -0.61 -15.05 7.03
N ILE A 86 -1.35 -14.69 5.98
CA ILE A 86 -1.77 -13.30 5.74
C ILE A 86 -3.23 -13.17 6.21
N ILE A 87 -3.48 -12.22 7.11
CA ILE A 87 -4.80 -11.91 7.63
C ILE A 87 -5.24 -10.59 7.00
N THR A 88 -6.45 -10.57 6.46
CA THR A 88 -7.05 -9.35 5.94
C THR A 88 -8.50 -9.24 6.43
N GLU A 89 -9.06 -8.05 6.17
CA GLU A 89 -10.43 -7.77 6.49
C GLU A 89 -11.29 -8.68 5.68
N PHE A 90 -12.41 -9.07 6.26
CA PHE A 90 -13.38 -9.96 5.64
C PHE A 90 -14.48 -9.12 4.91
N MET A 91 -14.94 -9.67 3.77
CA MET A 91 -15.94 -9.07 2.86
C MET A 91 -17.08 -10.10 2.65
N THR A 92 -18.11 -9.99 3.48
CA THR A 92 -19.25 -10.94 3.60
C THR A 92 -19.82 -11.54 2.32
N TYR A 93 -19.90 -10.72 1.26
CA TYR A 93 -20.56 -11.10 -0.01
C TYR A 93 -19.63 -11.59 -1.12
N GLY A 94 -18.33 -11.67 -0.82
CA GLY A 94 -17.38 -12.40 -1.67
C GLY A 94 -17.20 -11.72 -3.00
N ASN A 95 -16.91 -12.53 -4.03
CA ASN A 95 -16.38 -12.01 -5.32
C ASN A 95 -17.46 -11.37 -6.19
N LEU A 96 -17.15 -10.21 -6.74
CA LEU A 96 -18.07 -9.40 -7.54
C LEU A 96 -18.66 -10.12 -8.74
N LEU A 97 -17.93 -11.04 -9.38
CA LEU A 97 -18.44 -11.77 -10.55
C LEU A 97 -19.63 -12.70 -10.19
N ASP A 98 -19.47 -13.46 -9.12
CA ASP A 98 -20.55 -14.30 -8.64
C ASP A 98 -21.62 -13.48 -7.96
N TYR A 99 -21.24 -12.36 -7.35
CA TYR A 99 -22.22 -11.47 -6.73
C TYR A 99 -23.19 -10.96 -7.78
N LEU A 100 -22.66 -10.31 -8.79
CA LEU A 100 -23.43 -9.81 -9.94
C LEU A 100 -24.28 -10.85 -10.62
N ARG A 101 -23.74 -12.04 -10.84
CA ARG A 101 -24.49 -13.13 -11.50
C ARG A 101 -25.70 -13.64 -10.71
N GLU A 102 -25.54 -13.71 -9.38
CA GLU A 102 -26.47 -14.32 -8.46
C GLU A 102 -27.48 -13.33 -7.93
N CYS A 103 -27.26 -12.02 -8.11
CA CYS A 103 -28.10 -11.00 -7.45
C CYS A 103 -29.45 -10.71 -8.11
N ASN A 104 -30.37 -10.21 -7.25
CA ASN A 104 -31.59 -9.45 -7.58
C ASN A 104 -31.21 -8.02 -8.08
N ARG A 105 -31.46 -7.77 -9.38
CA ARG A 105 -30.98 -6.56 -10.09
C ARG A 105 -31.82 -5.31 -9.87
N GLN A 106 -33.00 -5.51 -9.29
CA GLN A 106 -33.83 -4.39 -8.83
C GLN A 106 -33.11 -3.65 -7.68
N GLU A 107 -32.50 -4.42 -6.77
CA GLU A 107 -31.70 -3.87 -5.71
C GLU A 107 -30.28 -3.40 -6.22
N VAL A 108 -29.58 -4.30 -6.91
CA VAL A 108 -28.30 -4.02 -7.58
C VAL A 108 -28.64 -3.44 -8.98
N ASN A 109 -28.99 -2.16 -9.01
CA ASN A 109 -29.58 -1.51 -10.19
C ASN A 109 -28.57 -0.63 -10.92
N ALA A 110 -28.98 -0.03 -12.02
CA ALA A 110 -28.13 0.81 -12.86
C ALA A 110 -27.20 1.75 -12.09
N VAL A 111 -27.75 2.50 -11.16
CA VAL A 111 -26.93 3.41 -10.33
C VAL A 111 -25.95 2.68 -9.41
N VAL A 112 -26.36 1.54 -8.85
CA VAL A 112 -25.44 0.75 -8.03
C VAL A 112 -24.21 0.41 -8.85
N LEU A 113 -24.42 -0.11 -10.09
CA LEU A 113 -23.33 -0.47 -11.03
C LEU A 113 -22.32 0.65 -11.24
N LEU A 114 -22.84 1.86 -11.26
CA LEU A 114 -22.07 3.05 -11.50
C LEU A 114 -21.18 3.34 -10.28
N TYR A 115 -21.68 3.09 -9.06
CA TYR A 115 -20.90 3.23 -7.78
C TYR A 115 -19.75 2.25 -7.69
N MET A 116 -19.99 1.05 -8.16
CA MET A 116 -19.00 -0.04 -8.13
C MET A 116 -17.87 0.32 -9.00
N ALA A 117 -18.20 0.66 -10.25
CA ALA A 117 -17.22 1.19 -11.18
C ALA A 117 -16.46 2.40 -10.62
N THR A 118 -17.16 3.28 -9.91
CA THR A 118 -16.56 4.52 -9.37
C THR A 118 -15.58 4.24 -8.25
N GLN A 119 -15.97 3.34 -7.36
CA GLN A 119 -15.11 2.87 -6.25
C GLN A 119 -13.83 2.28 -6.83
N ILE A 120 -13.99 1.40 -7.80
CA ILE A 120 -12.88 0.67 -8.33
C ILE A 120 -11.92 1.61 -8.99
N SER A 121 -12.44 2.58 -9.76
CA SER A 121 -11.60 3.62 -10.33
C SER A 121 -10.82 4.41 -9.25
N SER A 122 -11.48 4.72 -8.14
CA SER A 122 -10.83 5.46 -7.06
C SER A 122 -9.55 4.77 -6.59
N ALA A 123 -9.66 3.47 -6.33
CA ALA A 123 -8.51 2.64 -5.90
C ALA A 123 -7.38 2.49 -6.93
N MET A 124 -7.71 2.62 -8.22
CA MET A 124 -6.78 2.45 -9.32
C MET A 124 -6.04 3.74 -9.65
N GLU A 125 -6.73 4.87 -9.50
CA GLU A 125 -6.05 6.15 -9.50
C GLU A 125 -5.01 6.23 -8.37
N TYR A 126 -5.34 5.64 -7.21
CA TYR A 126 -4.43 5.57 -6.05
C TYR A 126 -3.21 4.77 -6.45
N LEU A 127 -3.45 3.54 -6.95
CA LEU A 127 -2.36 2.69 -7.44
C LEU A 127 -1.54 3.35 -8.54
N GLU A 128 -2.21 4.03 -9.47
CA GLU A 128 -1.56 4.83 -10.53
C GLU A 128 -0.64 5.95 -9.98
N LYS A 129 -1.00 6.52 -8.82
CA LYS A 129 -0.23 7.62 -8.19
C LYS A 129 1.05 7.06 -7.59
N LYS A 130 0.91 5.93 -6.90
CA LYS A 130 2.05 5.18 -6.34
C LYS A 130 2.88 4.42 -7.40
N ASN A 131 2.51 4.44 -8.68
CA ASN A 131 3.16 3.64 -9.74
C ASN A 131 3.07 2.07 -9.62
N PHE A 132 1.94 1.59 -9.10
CA PHE A 132 1.65 0.16 -9.00
C PHE A 132 0.91 -0.31 -10.26
N ILE A 133 1.13 -1.54 -10.71
CA ILE A 133 0.16 -2.20 -11.60
C ILE A 133 -0.42 -3.26 -10.74
N HIS A 134 -1.72 -3.53 -10.90
CA HIS A 134 -2.38 -4.72 -10.35
C HIS A 134 -2.01 -5.94 -11.17
N ARG A 135 -2.04 -5.73 -12.49
CA ARG A 135 -1.71 -6.77 -13.50
C ARG A 135 -2.69 -7.97 -13.55
N ASP A 136 -3.77 -8.01 -12.76
CA ASP A 136 -4.86 -9.03 -12.88
C ASP A 136 -6.25 -8.46 -12.43
N LEU A 137 -6.67 -7.39 -13.07
CA LEU A 137 -7.89 -6.69 -12.70
C LEU A 137 -9.11 -7.33 -13.37
N ALA A 138 -10.11 -7.71 -12.57
CA ALA A 138 -11.25 -8.44 -13.08
C ALA A 138 -12.34 -8.67 -12.01
N ALA A 139 -13.56 -8.89 -12.47
CA ALA A 139 -14.75 -9.03 -11.61
C ALA A 139 -14.54 -10.04 -10.51
N ARG A 140 -14.08 -11.24 -10.88
CA ARG A 140 -13.66 -12.30 -9.92
C ARG A 140 -12.65 -11.93 -8.81
N ASN A 141 -11.78 -10.96 -9.07
CA ASN A 141 -10.79 -10.42 -8.09
C ASN A 141 -11.24 -9.18 -7.28
N CYS A 142 -12.53 -8.84 -7.40
CA CYS A 142 -13.16 -7.77 -6.63
C CYS A 142 -14.04 -8.42 -5.62
N LEU A 143 -14.03 -7.89 -4.42
CA LEU A 143 -14.80 -8.40 -3.31
C LEU A 143 -15.82 -7.38 -2.85
N VAL A 144 -16.92 -7.86 -2.27
CA VAL A 144 -18.08 -7.04 -1.87
C VAL A 144 -18.45 -7.13 -0.35
N GLY A 145 -18.80 -5.97 0.22
CA GLY A 145 -19.39 -5.89 1.57
C GLY A 145 -20.82 -5.37 1.65
N GLU A 146 -21.27 -5.10 2.88
CA GLU A 146 -22.60 -4.53 3.13
C GLU A 146 -22.70 -3.16 2.46
N ASN A 147 -23.89 -2.88 1.93
CA ASN A 147 -24.21 -1.60 1.26
C ASN A 147 -23.34 -1.37 0.00
N HIS A 148 -23.10 -2.45 -0.75
CA HIS A 148 -22.41 -2.41 -2.06
C HIS A 148 -21.07 -1.70 -2.03
N LEU A 149 -20.38 -1.91 -0.91
CA LEU A 149 -18.98 -1.60 -0.78
C LEU A 149 -18.30 -2.60 -1.73
N VAL A 150 -17.31 -2.13 -2.48
CA VAL A 150 -16.48 -2.98 -3.34
C VAL A 150 -15.03 -2.56 -3.13
N LYS A 151 -14.16 -3.57 -3.07
CA LYS A 151 -12.73 -3.37 -2.94
C LYS A 151 -11.97 -4.29 -3.88
N VAL A 152 -10.82 -3.79 -4.32
CA VAL A 152 -9.93 -4.54 -5.19
C VAL A 152 -9.06 -5.41 -4.26
N ALA A 153 -8.79 -6.63 -4.72
CA ALA A 153 -8.16 -7.71 -3.96
C ALA A 153 -7.18 -8.50 -4.84
N ASP A 154 -6.57 -9.52 -4.24
CA ASP A 154 -5.66 -10.47 -4.91
C ASP A 154 -4.42 -9.78 -5.50
N PHE A 155 -3.50 -9.40 -4.63
CA PHE A 155 -2.36 -8.56 -5.02
C PHE A 155 -1.07 -9.30 -5.43
N GLY A 156 -1.18 -10.64 -5.61
CA GLY A 156 -0.07 -11.53 -5.99
C GLY A 156 0.81 -11.08 -7.14
N LEU A 157 0.19 -10.61 -8.23
CA LEU A 157 0.90 -10.14 -9.40
C LEU A 157 1.14 -8.63 -9.39
N SER A 158 0.83 -7.94 -8.29
CA SER A 158 0.99 -6.50 -8.24
C SER A 158 2.42 -6.21 -7.98
N ARG A 159 2.97 -5.28 -8.75
CA ARG A 159 4.35 -4.83 -8.65
C ARG A 159 4.33 -3.33 -8.45
N LEU A 160 5.33 -2.78 -7.77
CA LEU A 160 5.64 -1.36 -7.88
C LEU A 160 6.70 -1.29 -8.95
N MET A 161 6.41 -0.61 -10.04
CA MET A 161 7.38 -0.50 -11.12
C MET A 161 8.36 0.63 -10.89
N THR A 162 9.62 0.33 -11.16
CA THR A 162 10.59 1.34 -11.56
C THR A 162 10.49 1.41 -13.09
N GLY A 163 10.41 2.63 -13.64
CA GLY A 163 10.01 2.84 -15.04
C GLY A 163 8.53 2.54 -15.35
N ASP A 164 8.12 2.72 -16.60
CA ASP A 164 6.70 2.64 -17.03
C ASP A 164 6.19 1.29 -17.52
N THR A 165 6.98 0.24 -17.29
CA THR A 165 6.91 -1.00 -18.07
C THR A 165 7.44 -2.18 -17.27
N TYR A 166 6.55 -3.05 -16.81
CA TYR A 166 6.93 -4.38 -16.34
C TYR A 166 6.78 -5.33 -17.54
N THR A 167 7.80 -6.13 -17.83
CA THR A 167 7.81 -7.16 -18.88
C THR A 167 7.67 -8.57 -18.26
N ALA A 168 6.61 -9.32 -18.61
CA ALA A 168 6.44 -10.69 -18.10
C ALA A 168 7.46 -11.63 -18.68
N HIS A 169 7.74 -12.71 -17.96
CA HIS A 169 8.63 -13.73 -18.48
C HIS A 169 7.87 -14.44 -19.60
N ALA A 170 8.62 -14.93 -20.60
CA ALA A 170 8.02 -15.58 -21.77
C ALA A 170 7.55 -16.90 -21.33
N GLY A 171 6.47 -17.35 -21.97
CA GLY A 171 5.73 -18.47 -21.46
C GLY A 171 5.04 -18.22 -20.12
N ALA A 172 4.85 -16.96 -19.74
CA ALA A 172 3.86 -16.63 -18.70
C ALA A 172 2.46 -16.90 -19.27
N LYS A 173 1.53 -17.21 -18.39
CA LYS A 173 0.15 -17.51 -18.81
C LYS A 173 -0.72 -16.34 -18.32
N PHE A 174 -1.48 -15.75 -19.25
CA PHE A 174 -2.35 -14.62 -18.99
C PHE A 174 -3.81 -15.04 -19.11
N PRO A 175 -4.72 -14.33 -18.43
CA PRO A 175 -6.15 -14.36 -18.85
C PRO A 175 -6.33 -13.54 -20.14
N ILE A 176 -6.23 -14.20 -21.29
CA ILE A 176 -6.21 -13.55 -22.61
C ILE A 176 -7.25 -12.45 -22.76
N LYS A 177 -8.52 -12.82 -22.52
CA LYS A 177 -9.71 -11.96 -22.74
C LYS A 177 -9.79 -10.67 -21.91
N TRP A 178 -8.92 -10.53 -20.93
CA TRP A 178 -8.69 -9.30 -20.17
C TRP A 178 -7.41 -8.63 -20.50
N THR A 179 -6.56 -9.26 -21.29
CA THR A 179 -5.18 -8.79 -21.51
C THR A 179 -5.07 -7.93 -22.78
N ALA A 180 -4.33 -6.83 -22.68
CA ALA A 180 -4.16 -5.83 -23.77
C ALA A 180 -3.24 -6.29 -24.85
N PRO A 181 -3.36 -5.78 -26.08
CA PRO A 181 -2.63 -6.35 -27.21
C PRO A 181 -1.11 -6.36 -27.08
N GLU A 182 -0.51 -5.24 -26.65
CA GLU A 182 0.95 -5.21 -26.43
C GLU A 182 1.43 -6.18 -25.35
N SER A 183 0.56 -6.51 -24.38
CA SER A 183 0.86 -7.53 -23.38
C SER A 183 0.82 -8.91 -24.03
N LEU A 184 -0.21 -9.21 -24.84
CA LEU A 184 -0.24 -10.52 -25.60
C LEU A 184 0.90 -10.71 -26.62
N ALA A 185 1.42 -9.65 -27.25
CA ALA A 185 2.47 -9.81 -28.28
C ALA A 185 3.85 -9.80 -27.67
N TYR A 186 4.11 -8.80 -26.84
CA TYR A 186 5.45 -8.50 -26.34
C TYR A 186 5.63 -8.68 -24.84
N ASN A 187 4.61 -9.20 -24.16
CA ASN A 187 4.56 -9.23 -22.67
C ASN A 187 4.87 -7.87 -21.99
N LYS A 188 4.49 -6.77 -22.64
CA LYS A 188 4.66 -5.46 -22.02
C LYS A 188 3.37 -5.16 -21.21
N PHE A 189 3.52 -5.09 -19.89
CA PHE A 189 2.52 -4.61 -18.95
C PHE A 189 2.89 -3.22 -18.51
N SER A 190 1.88 -2.45 -18.09
CA SER A 190 1.96 -1.03 -17.65
C SER A 190 0.62 -0.57 -17.00
N ILE A 191 0.54 0.69 -16.61
CA ILE A 191 -0.70 1.17 -16.00
C ILE A 191 -1.84 1.08 -17.06
N LYS A 192 -1.51 1.59 -18.24
CA LYS A 192 -2.28 1.46 -19.46
C LYS A 192 -2.82 0.08 -19.76
N SER A 193 -2.01 -0.96 -19.51
CA SER A 193 -2.49 -2.31 -19.75
C SER A 193 -3.59 -2.70 -18.69
N ASP A 194 -3.48 -2.23 -17.46
CA ASP A 194 -4.59 -2.28 -16.49
C ASP A 194 -5.80 -1.41 -16.87
N VAL A 195 -5.58 -0.32 -17.61
CA VAL A 195 -6.68 0.51 -18.09
C VAL A 195 -7.53 -0.37 -19.00
N TRP A 196 -6.86 -1.04 -19.94
CA TRP A 196 -7.48 -2.05 -20.80
C TRP A 196 -8.34 -3.07 -20.00
N ALA A 197 -7.68 -3.66 -19.02
CA ALA A 197 -8.27 -4.62 -18.05
C ALA A 197 -9.53 -4.11 -17.35
N PHE A 198 -9.43 -2.84 -16.92
CA PHE A 198 -10.54 -2.14 -16.26
C PHE A 198 -11.72 -2.02 -17.23
N GLY A 199 -11.43 -1.60 -18.47
CA GLY A 199 -12.47 -1.48 -19.50
C GLY A 199 -13.30 -2.76 -19.68
N VAL A 200 -12.62 -3.90 -19.62
CA VAL A 200 -13.24 -5.21 -19.76
C VAL A 200 -14.13 -5.55 -18.54
N LEU A 201 -13.60 -5.29 -17.34
CA LEU A 201 -14.36 -5.29 -16.09
C LEU A 201 -15.65 -4.41 -16.13
N LEU A 202 -15.59 -3.23 -16.74
CA LEU A 202 -16.81 -2.43 -16.93
C LEU A 202 -17.79 -3.27 -17.72
N TRP A 203 -17.31 -3.92 -18.77
CA TRP A 203 -18.13 -4.77 -19.62
C TRP A 203 -18.74 -5.93 -18.79
N GLU A 204 -17.96 -6.46 -17.85
CA GLU A 204 -18.48 -7.48 -16.91
C GLU A 204 -19.59 -6.92 -16.03
N ILE A 205 -19.44 -5.69 -15.57
CA ILE A 205 -20.36 -5.08 -14.61
C ILE A 205 -21.65 -4.77 -15.31
N ALA A 206 -21.53 -4.09 -16.43
CA ALA A 206 -22.66 -3.77 -17.35
C ALA A 206 -23.53 -4.91 -17.81
N THR A 207 -22.97 -6.12 -17.91
CA THR A 207 -23.73 -7.34 -18.31
C THR A 207 -24.10 -8.25 -17.15
N TYR A 208 -23.84 -7.82 -15.92
CA TYR A 208 -24.00 -8.70 -14.72
C TYR A 208 -23.23 -10.01 -14.85
N GLY A 209 -21.96 -9.87 -15.21
CA GLY A 209 -21.02 -10.97 -15.20
C GLY A 209 -21.08 -11.99 -16.33
N MET A 210 -21.37 -11.54 -17.55
CA MET A 210 -21.10 -12.37 -18.76
C MET A 210 -19.59 -12.47 -18.97
N SER A 211 -19.13 -13.62 -19.51
CA SER A 211 -17.73 -13.79 -19.91
C SER A 211 -17.44 -13.01 -21.17
N PRO A 212 -16.31 -12.30 -21.21
CA PRO A 212 -15.96 -11.51 -22.41
C PRO A 212 -15.77 -12.30 -23.72
N TYR A 213 -15.93 -11.58 -24.84
CA TYR A 213 -15.88 -12.12 -26.21
C TYR A 213 -16.62 -13.42 -26.31
N PRO A 214 -17.91 -13.40 -25.96
CA PRO A 214 -18.70 -14.64 -25.79
C PRO A 214 -18.71 -15.47 -27.03
N GLY A 215 -18.26 -16.70 -26.91
CA GLY A 215 -18.38 -17.67 -28.00
C GLY A 215 -17.15 -17.77 -28.87
N ILE A 216 -16.16 -16.90 -28.62
CA ILE A 216 -14.94 -16.82 -29.38
C ILE A 216 -13.83 -17.58 -28.66
N ASP A 217 -13.10 -18.43 -29.41
CA ASP A 217 -11.88 -19.09 -28.89
C ASP A 217 -10.75 -18.08 -28.64
N LEU A 218 -10.05 -18.28 -27.52
CA LEU A 218 -8.81 -17.56 -27.19
C LEU A 218 -7.82 -17.36 -28.33
N SER A 219 -7.69 -18.38 -29.17
CA SER A 219 -6.77 -18.39 -30.30
C SER A 219 -7.11 -17.43 -31.44
N GLN A 220 -8.33 -16.88 -31.50
CA GLN A 220 -8.64 -15.79 -32.48
C GLN A 220 -8.70 -14.34 -31.92
N VAL A 221 -8.71 -14.18 -30.60
CA VAL A 221 -8.91 -12.89 -29.97
C VAL A 221 -7.91 -11.84 -30.47
N TYR A 222 -6.62 -12.11 -30.42
CA TYR A 222 -5.61 -11.09 -30.79
C TYR A 222 -5.82 -10.65 -32.23
N GLU A 223 -5.84 -11.58 -33.18
CA GLU A 223 -6.14 -11.23 -34.59
C GLU A 223 -7.37 -10.34 -34.75
N LEU A 224 -8.43 -10.63 -34.00
CA LEU A 224 -9.64 -9.82 -34.08
C LEU A 224 -9.44 -8.40 -33.54
N LEU A 225 -8.75 -8.29 -32.41
CA LEU A 225 -8.33 -6.95 -31.91
C LEU A 225 -7.47 -6.18 -32.94
N GLU A 226 -6.54 -6.88 -33.61
CA GLU A 226 -5.74 -6.28 -34.71
C GLU A 226 -6.55 -5.78 -35.91
N LYS A 227 -7.50 -6.60 -36.36
CA LYS A 227 -8.46 -6.20 -37.38
C LYS A 227 -9.56 -5.28 -36.84
N ASP A 228 -9.48 -4.90 -35.56
CA ASP A 228 -10.19 -3.72 -35.02
C ASP A 228 -11.62 -4.11 -34.56
N TYR A 229 -11.74 -5.31 -33.98
CA TYR A 229 -13.00 -5.81 -33.44
C TYR A 229 -12.99 -5.59 -31.94
N ARG A 230 -14.13 -5.12 -31.41
CA ARG A 230 -14.32 -4.92 -29.98
C ARG A 230 -15.73 -5.33 -29.68
N MET A 231 -15.94 -5.72 -28.43
CA MET A 231 -17.19 -6.18 -27.91
C MET A 231 -18.20 -5.07 -28.11
N GLU A 232 -19.36 -5.45 -28.58
CA GLU A 232 -20.48 -4.55 -28.78
C GLU A 232 -20.93 -3.97 -27.47
N ARG A 233 -21.47 -2.76 -27.51
CA ARG A 233 -22.16 -2.17 -26.36
C ARG A 233 -23.28 -3.10 -25.78
N PRO A 234 -23.16 -3.47 -24.49
CA PRO A 234 -24.19 -4.34 -23.83
C PRO A 234 -25.45 -3.55 -23.49
N GLU A 235 -26.58 -4.25 -23.39
CA GLU A 235 -27.90 -3.66 -23.15
C GLU A 235 -27.89 -2.61 -22.09
N GLY A 236 -28.29 -1.39 -22.44
CA GLY A 236 -28.53 -0.34 -21.43
C GLY A 236 -27.33 0.30 -20.82
N CYS A 237 -26.13 -0.09 -21.23
CA CYS A 237 -24.93 0.58 -20.83
C CYS A 237 -25.06 2.04 -21.19
N PRO A 238 -24.84 3.00 -20.28
CA PRO A 238 -24.84 4.41 -20.69
C PRO A 238 -23.92 4.70 -21.85
N GLU A 239 -24.06 5.86 -22.44
CA GLU A 239 -23.29 6.26 -23.62
C GLU A 239 -21.89 6.61 -23.18
N LYS A 240 -21.79 7.35 -22.08
CA LYS A 240 -20.49 7.72 -21.56
C LYS A 240 -19.76 6.53 -20.92
N VAL A 241 -20.49 5.49 -20.50
CA VAL A 241 -19.82 4.28 -20.00
C VAL A 241 -19.19 3.51 -21.18
N TYR A 242 -20.01 3.20 -22.19
CA TYR A 242 -19.50 2.67 -23.43
C TYR A 242 -18.36 3.50 -24.07
N GLU A 243 -18.44 4.83 -24.08
CA GLU A 243 -17.31 5.69 -24.59
C GLU A 243 -16.01 5.42 -23.85
N LEU A 244 -16.10 5.26 -22.52
CA LEU A 244 -14.92 4.97 -21.71
C LEU A 244 -14.36 3.60 -21.99
N MET A 245 -15.24 2.60 -22.14
CA MET A 245 -14.84 1.26 -22.55
C MET A 245 -14.08 1.28 -23.86
N ARG A 246 -14.60 2.01 -24.83
CA ARG A 246 -13.93 2.11 -26.10
C ARG A 246 -12.60 2.86 -26.09
N ALA A 247 -12.44 3.86 -25.24
CA ALA A 247 -11.15 4.58 -25.12
C ALA A 247 -10.17 3.69 -24.35
N CYS A 248 -10.72 2.93 -23.38
CA CYS A 248 -9.95 1.92 -22.73
C CYS A 248 -9.42 0.82 -23.68
N TRP A 249 -10.06 0.60 -24.83
CA TRP A 249 -9.60 -0.40 -25.75
C TRP A 249 -8.87 0.17 -26.97
N GLN A 250 -8.26 1.34 -26.85
CA GLN A 250 -7.39 1.80 -27.92
C GLN A 250 -6.19 0.82 -28.10
N TRP A 251 -5.97 0.42 -29.36
CA TRP A 251 -4.83 -0.41 -29.75
C TRP A 251 -3.55 0.17 -29.17
N ASN A 252 -3.34 1.47 -29.38
CA ASN A 252 -2.09 2.10 -29.05
C ASN A 252 -2.20 2.71 -27.61
N PRO A 253 -1.45 2.20 -26.61
CA PRO A 253 -1.63 2.59 -25.17
C PRO A 253 -1.56 4.07 -24.83
N SER A 254 -0.82 4.85 -25.59
CA SER A 254 -0.82 6.31 -25.36
C SER A 254 -2.25 6.83 -25.54
N ASP A 255 -2.96 6.29 -26.54
CA ASP A 255 -4.35 6.69 -26.85
C ASP A 255 -5.38 6.32 -25.75
N ARG A 256 -5.07 5.38 -24.88
CA ARG A 256 -5.94 5.08 -23.71
C ARG A 256 -6.04 6.21 -22.68
N PRO A 257 -7.16 6.39 -21.97
CA PRO A 257 -7.21 7.32 -20.82
C PRO A 257 -6.33 6.86 -19.64
N SER A 258 -6.35 7.66 -18.57
CA SER A 258 -5.68 7.36 -17.32
C SER A 258 -6.74 7.07 -16.26
N PHE A 259 -6.30 6.47 -15.15
CA PHE A 259 -7.22 6.20 -14.04
C PHE A 259 -7.74 7.46 -13.29
N ALA A 260 -6.88 8.49 -13.17
CA ALA A 260 -7.32 9.84 -12.76
C ALA A 260 -8.43 10.38 -13.69
N GLU A 261 -8.20 10.38 -15.01
CA GLU A 261 -9.20 10.79 -16.01
C GLU A 261 -10.53 10.02 -15.88
N ILE A 262 -10.45 8.68 -15.82
CA ILE A 262 -11.60 7.75 -15.76
C ILE A 262 -12.39 7.98 -14.50
N HIS A 263 -11.70 8.04 -13.35
CA HIS A 263 -12.36 8.22 -12.04
C HIS A 263 -13.16 9.52 -12.01
N GLN A 264 -12.48 10.60 -12.41
CA GLN A 264 -13.09 11.93 -12.58
C GLN A 264 -14.38 11.88 -13.35
N ALA A 265 -14.34 11.26 -14.54
CA ALA A 265 -15.53 11.04 -15.37
C ALA A 265 -16.61 10.24 -14.65
N PHE A 266 -16.20 9.21 -13.91
CA PHE A 266 -17.15 8.43 -13.11
C PHE A 266 -17.72 9.23 -11.96
N GLU A 267 -16.89 9.98 -11.24
CA GLU A 267 -17.34 10.87 -10.14
C GLU A 267 -18.48 11.75 -10.62
N THR A 268 -18.21 12.52 -11.67
CA THR A 268 -19.21 13.32 -12.43
C THR A 268 -20.48 12.51 -12.75
N MET A 269 -20.40 11.57 -13.71
CA MET A 269 -21.52 10.64 -14.08
C MET A 269 -22.32 10.07 -12.90
N PHE A 270 -21.61 9.74 -11.83
CA PHE A 270 -22.21 9.16 -10.63
C PHE A 270 -23.07 10.14 -9.83
N GLN A 271 -22.61 11.38 -9.66
CA GLN A 271 -23.46 12.40 -9.00
C GLN A 271 -24.68 12.86 -9.84
N GLU A 272 -24.66 12.69 -11.16
CA GLU A 272 -25.77 13.05 -12.06
C GLU A 272 -26.70 11.83 -12.23
N SER A 273 -27.31 11.41 -11.13
CA SER A 273 -27.92 10.08 -10.99
C SER A 273 -28.92 10.05 -9.80
N ASP B 6 23.25 -30.97 8.21
CA ASP B 6 22.75 -29.71 8.87
C ASP B 6 21.64 -28.99 8.05
N LYS B 7 21.28 -27.79 8.50
CA LYS B 7 20.30 -26.88 7.88
C LYS B 7 20.35 -26.86 6.35
N TRP B 8 21.52 -26.55 5.84
CA TRP B 8 21.74 -26.30 4.42
C TRP B 8 21.74 -27.56 3.58
N GLU B 9 22.28 -28.64 4.14
CA GLU B 9 22.50 -29.89 3.40
C GLU B 9 21.21 -30.50 2.96
N MET B 10 21.26 -31.19 1.82
CA MET B 10 20.09 -31.75 1.19
C MET B 10 20.40 -32.84 0.16
N GLU B 11 19.37 -33.65 -0.16
CA GLU B 11 19.56 -34.82 -1.00
C GLU B 11 19.73 -34.47 -2.48
N ARG B 12 20.81 -35.00 -3.06
CA ARG B 12 21.23 -34.87 -4.47
C ARG B 12 20.22 -35.33 -5.53
N THR B 13 19.58 -36.48 -5.25
CA THR B 13 18.39 -36.99 -5.97
C THR B 13 17.42 -35.90 -6.33
N ASP B 14 17.07 -35.08 -5.33
CA ASP B 14 16.03 -34.04 -5.45
C ASP B 14 16.15 -33.20 -6.70
N ILE B 15 17.38 -32.94 -7.16
CA ILE B 15 17.66 -32.10 -8.34
C ILE B 15 17.82 -32.89 -9.67
N THR B 16 16.89 -32.68 -10.64
CA THR B 16 17.13 -32.95 -12.07
C THR B 16 18.06 -31.85 -12.59
N MET B 17 19.00 -32.20 -13.48
CA MET B 17 19.96 -31.24 -14.07
C MET B 17 19.65 -31.02 -15.57
N LYS B 18 19.56 -29.74 -15.98
CA LYS B 18 19.18 -29.35 -17.35
C LYS B 18 20.41 -29.05 -18.23
N HIS B 19 20.95 -27.82 -18.21
CA HIS B 19 21.94 -27.40 -19.23
C HIS B 19 22.94 -26.41 -18.69
N LYS B 20 24.17 -26.44 -19.23
CA LYS B 20 25.27 -25.52 -18.83
C LYS B 20 24.88 -24.06 -19.05
N LEU B 21 25.39 -23.18 -18.18
CA LEU B 21 25.07 -21.73 -18.20
C LEU B 21 26.23 -20.82 -18.60
N GLY B 27 34.70 -25.65 -11.61
CA GLY B 27 33.65 -24.67 -11.26
C GLY B 27 32.59 -24.40 -12.33
N GLU B 28 32.01 -25.48 -12.92
CA GLU B 28 30.97 -25.41 -13.98
C GLU B 28 29.59 -25.19 -13.31
N VAL B 29 28.68 -24.46 -13.97
CA VAL B 29 27.31 -24.17 -13.46
C VAL B 29 26.25 -24.66 -14.45
N TYR B 30 25.22 -25.28 -13.91
CA TYR B 30 24.18 -25.97 -14.67
C TYR B 30 22.84 -25.43 -14.24
N GLU B 31 21.89 -25.46 -15.17
CA GLU B 31 20.51 -25.15 -14.84
C GLU B 31 19.97 -26.43 -14.27
N GLY B 32 19.29 -26.34 -13.14
CA GLY B 32 18.69 -27.49 -12.47
C GLY B 32 17.27 -27.21 -12.03
N VAL B 33 16.60 -28.27 -11.59
CA VAL B 33 15.21 -28.25 -11.14
C VAL B 33 15.16 -28.91 -9.77
N TRP B 34 14.78 -28.16 -8.73
CA TRP B 34 14.43 -28.75 -7.42
C TRP B 34 12.98 -29.30 -7.52
N LYS B 35 12.88 -30.46 -8.20
CA LYS B 35 11.67 -31.27 -8.42
C LYS B 35 10.63 -31.18 -7.28
N LYS B 36 11.12 -31.40 -6.05
CA LYS B 36 10.36 -31.39 -4.76
C LYS B 36 9.48 -30.16 -4.57
N TYR B 37 10.08 -29.00 -4.88
CA TYR B 37 9.43 -27.70 -4.77
C TYR B 37 9.03 -27.06 -6.12
N SER B 38 9.07 -27.83 -7.23
CA SER B 38 8.63 -27.37 -8.56
C SER B 38 9.37 -26.05 -8.98
N LEU B 39 10.69 -26.05 -8.81
CA LEU B 39 11.52 -24.82 -8.76
C LEU B 39 12.83 -24.93 -9.58
N THR B 40 13.16 -23.87 -10.33
CA THR B 40 14.39 -23.80 -11.15
C THR B 40 15.55 -23.13 -10.40
N VAL B 41 16.68 -23.82 -10.39
CA VAL B 41 17.87 -23.40 -9.64
C VAL B 41 19.10 -23.47 -10.50
N ALA B 42 20.10 -22.69 -10.07
CA ALA B 42 21.44 -22.73 -10.61
C ALA B 42 22.24 -23.62 -9.67
N VAL B 43 22.98 -24.55 -10.25
CA VAL B 43 23.72 -25.54 -9.49
C VAL B 43 25.14 -25.37 -9.87
N LYS B 44 25.94 -24.87 -8.93
CA LYS B 44 27.38 -24.76 -9.14
C LYS B 44 28.01 -26.05 -8.69
N THR B 45 28.87 -26.61 -9.55
CA THR B 45 29.38 -27.95 -9.41
C THR B 45 30.92 -27.97 -9.51
N LEU B 46 31.50 -29.15 -9.32
CA LEU B 46 32.95 -29.32 -9.31
C LEU B 46 33.41 -30.44 -10.27
N LYS B 47 34.47 -30.10 -11.05
CA LYS B 47 35.15 -31.00 -12.02
C LYS B 47 35.67 -32.24 -11.28
N GLU B 48 35.43 -33.42 -11.86
CA GLU B 48 35.36 -34.71 -11.11
C GLU B 48 36.55 -35.04 -10.19
N ASP B 49 36.44 -34.55 -8.94
CA ASP B 49 37.35 -34.87 -7.82
C ASP B 49 38.79 -34.33 -8.06
N THR B 50 38.87 -33.00 -8.21
CA THR B 50 40.11 -32.25 -8.47
C THR B 50 40.62 -31.62 -7.14
N MET B 51 41.67 -30.80 -7.23
CA MET B 51 42.22 -29.96 -6.12
C MET B 51 41.40 -28.72 -5.66
N GLU B 52 40.36 -28.34 -6.40
CA GLU B 52 39.64 -27.07 -6.18
C GLU B 52 38.64 -27.12 -4.99
N VAL B 53 38.87 -28.00 -4.00
CA VAL B 53 37.81 -28.44 -3.08
C VAL B 53 37.71 -27.49 -1.91
N GLU B 54 38.81 -27.30 -1.18
CA GLU B 54 38.82 -26.43 0.01
C GLU B 54 38.26 -25.04 -0.32
N GLU B 55 38.53 -24.55 -1.53
CA GLU B 55 37.99 -23.29 -2.10
C GLU B 55 36.46 -23.21 -2.27
N PHE B 56 35.90 -24.30 -2.80
CA PHE B 56 34.45 -24.55 -2.85
C PHE B 56 33.80 -24.46 -1.45
N LEU B 57 34.41 -25.11 -0.47
CA LEU B 57 33.99 -25.02 0.92
C LEU B 57 34.06 -23.59 1.54
N LYS B 58 35.04 -22.76 1.18
CA LYS B 58 35.09 -21.34 1.62
C LYS B 58 33.84 -20.64 1.09
N GLU B 59 33.68 -20.70 -0.24
CA GLU B 59 32.51 -20.17 -0.95
C GLU B 59 31.17 -20.61 -0.32
N ALA B 60 30.96 -21.89 -0.14
CA ALA B 60 29.69 -22.39 0.45
C ALA B 60 29.45 -21.82 1.86
N ALA B 61 30.47 -21.85 2.70
CA ALA B 61 30.40 -21.25 4.04
C ALA B 61 30.05 -19.76 4.05
N VAL B 62 30.69 -19.01 3.14
CA VAL B 62 30.45 -17.57 2.98
C VAL B 62 29.00 -17.30 2.67
N MET B 63 28.43 -18.12 1.79
CA MET B 63 27.04 -18.02 1.32
C MET B 63 26.00 -18.40 2.37
N LYS B 64 26.40 -19.21 3.37
CA LYS B 64 25.55 -19.50 4.56
C LYS B 64 25.46 -18.31 5.50
N GLU B 65 26.54 -17.53 5.63
CA GLU B 65 26.61 -16.36 6.54
C GLU B 65 26.08 -15.03 5.99
N ILE B 66 25.56 -15.03 4.74
CA ILE B 66 25.13 -13.79 4.06
C ILE B 66 23.77 -13.89 3.42
N LYS B 67 23.00 -12.81 3.61
CA LYS B 67 21.59 -12.71 3.22
C LYS B 67 21.31 -11.20 3.04
N HIS B 68 21.10 -10.84 1.78
CA HIS B 68 20.69 -9.51 1.36
C HIS B 68 19.82 -9.63 0.08
N PRO B 69 18.85 -8.73 -0.18
CA PRO B 69 18.02 -8.86 -1.41
C PRO B 69 18.71 -8.69 -2.75
N ASN B 70 19.96 -8.31 -2.75
CA ASN B 70 20.75 -8.04 -3.97
C ASN B 70 22.03 -8.89 -4.02
N LEU B 71 22.02 -10.02 -3.31
CA LEU B 71 23.03 -11.06 -3.43
C LEU B 71 22.31 -12.34 -3.73
N VAL B 72 22.72 -13.02 -4.80
CA VAL B 72 22.12 -14.34 -5.18
C VAL B 72 22.19 -15.24 -3.96
N GLN B 73 21.09 -15.90 -3.67
CA GLN B 73 20.85 -16.55 -2.35
C GLN B 73 21.09 -18.06 -2.42
N LEU B 74 21.84 -18.54 -1.42
CA LEU B 74 22.04 -19.94 -1.18
C LEU B 74 20.75 -20.57 -0.71
N LEU B 75 20.40 -21.69 -1.34
CA LEU B 75 19.26 -22.52 -0.97
C LEU B 75 19.64 -23.90 -0.45
N GLY B 76 20.80 -24.42 -0.82
CA GLY B 76 21.18 -25.76 -0.39
C GLY B 76 22.56 -26.15 -0.87
N VAL B 77 23.04 -27.29 -0.38
CA VAL B 77 24.37 -27.81 -0.74
C VAL B 77 24.39 -29.32 -0.67
N CYS B 78 25.44 -29.90 -1.25
CA CYS B 78 25.82 -31.32 -1.04
C CYS B 78 27.32 -31.43 -0.78
N THR B 79 27.74 -31.27 0.48
CA THR B 79 29.18 -31.26 0.86
C THR B 79 29.58 -32.36 1.86
N ARG B 80 29.15 -33.60 1.55
CA ARG B 80 29.60 -34.84 2.18
C ARG B 80 30.22 -35.73 1.09
N GLU B 81 29.37 -36.24 0.18
CA GLU B 81 29.83 -37.08 -0.94
C GLU B 81 30.22 -36.12 -2.07
N PRO B 82 31.30 -36.40 -2.82
CA PRO B 82 31.49 -35.82 -4.17
C PRO B 82 30.48 -36.35 -5.21
N PRO B 83 30.38 -35.76 -6.40
CA PRO B 83 30.71 -34.33 -6.72
C PRO B 83 29.87 -33.22 -6.06
N PHE B 84 30.55 -32.24 -5.45
CA PHE B 84 29.90 -31.25 -4.60
C PHE B 84 28.99 -30.28 -5.40
N TYR B 85 28.05 -29.67 -4.69
CA TYR B 85 26.98 -28.86 -5.27
C TYR B 85 26.70 -27.67 -4.36
N ILE B 86 26.51 -26.51 -4.98
CA ILE B 86 25.87 -25.36 -4.36
C ILE B 86 24.60 -25.03 -5.16
N ILE B 87 23.43 -25.11 -4.53
CA ILE B 87 22.18 -24.77 -5.18
C ILE B 87 21.86 -23.35 -4.77
N THR B 88 21.75 -22.44 -5.73
CA THR B 88 21.19 -21.10 -5.46
C THR B 88 19.86 -20.83 -6.23
N GLU B 89 19.27 -19.66 -5.98
CA GLU B 89 18.17 -19.17 -6.84
C GLU B 89 18.63 -18.97 -8.29
N PHE B 90 17.70 -19.13 -9.22
CA PHE B 90 17.93 -18.98 -10.64
C PHE B 90 17.47 -17.59 -11.06
N MET B 91 18.22 -16.98 -11.97
CA MET B 91 18.01 -15.62 -12.40
C MET B 91 17.45 -15.62 -13.82
N THR B 92 16.27 -15.00 -13.95
CA THR B 92 15.32 -15.29 -15.03
C THR B 92 15.61 -14.53 -16.31
N TYR B 93 16.36 -13.43 -16.19
CA TYR B 93 16.67 -12.53 -17.28
C TYR B 93 18.18 -12.48 -17.63
N GLY B 94 19.03 -13.33 -17.03
CA GLY B 94 20.41 -13.51 -17.52
C GLY B 94 21.36 -12.46 -17.01
N ASN B 95 22.54 -12.35 -17.59
CA ASN B 95 23.53 -11.46 -16.98
C ASN B 95 23.32 -10.09 -17.46
N LEU B 96 23.93 -9.16 -16.74
CA LEU B 96 23.71 -7.77 -16.95
C LEU B 96 24.39 -7.23 -18.24
N LEU B 97 25.41 -7.88 -18.81
CA LEU B 97 25.90 -7.47 -20.14
C LEU B 97 24.93 -7.68 -21.26
N ASP B 98 24.51 -8.92 -21.42
CA ASP B 98 23.60 -9.27 -22.51
C ASP B 98 22.27 -8.52 -22.38
N TYR B 99 21.78 -8.39 -21.16
CA TYR B 99 20.60 -7.61 -20.90
C TYR B 99 20.77 -6.16 -21.38
N LEU B 100 21.80 -5.50 -20.86
CA LEU B 100 22.09 -4.16 -21.23
C LEU B 100 22.37 -3.95 -22.76
N ARG B 101 23.08 -4.91 -23.39
CA ARG B 101 23.37 -4.91 -24.82
C ARG B 101 22.16 -5.10 -25.70
N GLU B 102 21.11 -5.76 -25.21
CA GLU B 102 19.93 -6.13 -25.99
C GLU B 102 18.61 -5.42 -25.65
N CYS B 103 18.59 -4.65 -24.56
CA CYS B 103 17.40 -3.93 -24.09
C CYS B 103 16.88 -2.91 -25.13
N ASN B 104 15.64 -2.47 -24.92
CA ASN B 104 15.05 -1.30 -25.58
C ASN B 104 15.43 -0.16 -24.64
N ARG B 105 16.32 0.73 -25.07
CA ARG B 105 16.79 1.83 -24.19
C ARG B 105 15.75 2.87 -23.76
N GLN B 106 14.63 2.95 -24.47
CA GLN B 106 13.49 3.75 -24.01
C GLN B 106 12.90 3.12 -22.76
N GLU B 107 13.00 1.78 -22.60
CA GLU B 107 12.52 1.04 -21.41
C GLU B 107 13.54 0.99 -20.28
N VAL B 108 14.71 0.44 -20.53
CA VAL B 108 15.87 0.47 -19.62
C VAL B 108 16.57 1.87 -19.82
N ASN B 109 15.83 2.87 -19.39
CA ASN B 109 16.15 4.24 -19.52
C ASN B 109 17.04 4.65 -18.38
N ALA B 110 17.28 5.95 -18.23
CA ALA B 110 18.25 6.48 -17.21
C ALA B 110 17.88 6.26 -15.75
N VAL B 111 16.61 6.44 -15.37
CA VAL B 111 16.11 6.01 -14.03
C VAL B 111 16.34 4.52 -13.75
N VAL B 112 16.22 3.66 -14.77
CA VAL B 112 16.49 2.22 -14.55
C VAL B 112 17.98 2.03 -14.36
N LEU B 113 18.83 2.82 -15.04
CA LEU B 113 20.29 2.74 -14.78
C LEU B 113 20.57 3.04 -13.33
N LEU B 114 20.06 4.14 -12.83
CA LEU B 114 20.17 4.48 -11.39
C LEU B 114 19.70 3.45 -10.41
N TYR B 115 18.55 2.85 -10.70
CA TYR B 115 17.99 1.82 -9.84
C TYR B 115 18.97 0.67 -9.68
N MET B 116 19.51 0.20 -10.80
CA MET B 116 20.45 -0.91 -10.81
C MET B 116 21.70 -0.58 -9.99
N ALA B 117 22.26 0.63 -10.15
CA ALA B 117 23.44 1.03 -9.31
C ALA B 117 23.13 1.12 -7.80
N THR B 118 21.94 1.60 -7.45
CA THR B 118 21.46 1.66 -6.05
C THR B 118 21.41 0.27 -5.44
N GLN B 119 20.76 -0.64 -6.16
CA GLN B 119 20.65 -2.04 -5.84
C GLN B 119 21.98 -2.70 -5.55
N ILE B 120 22.89 -2.55 -6.50
CA ILE B 120 24.23 -3.11 -6.34
C ILE B 120 25.04 -2.41 -5.20
N SER B 121 24.90 -1.09 -4.96
CA SER B 121 25.68 -0.40 -3.90
C SER B 121 25.14 -0.65 -2.49
N SER B 122 23.82 -0.86 -2.38
CA SER B 122 23.16 -1.48 -1.20
C SER B 122 23.85 -2.81 -0.73
N ALA B 123 24.02 -3.73 -1.67
CA ALA B 123 24.73 -5.01 -1.45
C ALA B 123 26.18 -4.89 -0.97
N MET B 124 26.93 -3.97 -1.54
CA MET B 124 28.32 -3.77 -1.11
C MET B 124 28.46 -3.10 0.26
N GLU B 125 27.57 -2.14 0.55
CA GLU B 125 27.39 -1.55 1.92
C GLU B 125 27.09 -2.62 2.98
N TYR B 126 26.29 -3.62 2.64
CA TYR B 126 25.98 -4.77 3.52
C TYR B 126 27.22 -5.62 3.78
N LEU B 127 27.88 -6.02 2.71
CA LEU B 127 29.17 -6.72 2.80
C LEU B 127 30.27 -5.86 3.38
N GLU B 128 30.19 -4.54 3.29
CA GLU B 128 31.19 -3.64 3.95
C GLU B 128 31.03 -3.72 5.49
N LYS B 129 29.82 -3.41 5.93
CA LYS B 129 29.37 -3.59 7.33
C LYS B 129 29.82 -4.90 8.00
N LYS B 130 29.63 -6.03 7.30
CA LYS B 130 30.12 -7.37 7.72
C LYS B 130 31.57 -7.72 7.37
N ASN B 131 32.32 -6.73 6.85
CA ASN B 131 33.75 -6.83 6.54
C ASN B 131 34.11 -7.95 5.55
N PHE B 132 33.19 -8.22 4.61
CA PHE B 132 33.43 -9.10 3.45
C PHE B 132 34.02 -8.34 2.25
N ILE B 133 34.87 -9.01 1.49
CA ILE B 133 35.20 -8.59 0.12
C ILE B 133 34.76 -9.64 -0.94
N HIS B 134 34.42 -9.16 -2.13
CA HIS B 134 33.86 -9.96 -3.22
C HIS B 134 34.95 -10.38 -4.18
N ARG B 135 35.77 -9.40 -4.55
CA ARG B 135 36.92 -9.55 -5.46
C ARG B 135 36.72 -9.91 -6.93
N ASP B 136 35.51 -10.19 -7.41
CA ASP B 136 35.25 -10.37 -8.87
C ASP B 136 33.97 -9.66 -9.30
N LEU B 137 33.93 -8.37 -8.97
CA LEU B 137 32.78 -7.51 -9.21
C LEU B 137 32.93 -6.95 -10.59
N ALA B 138 31.90 -7.04 -11.38
CA ALA B 138 31.90 -6.86 -12.80
C ALA B 138 30.47 -7.16 -13.27
N ALA B 139 30.10 -6.57 -14.37
CA ALA B 139 28.78 -6.69 -14.96
C ALA B 139 28.41 -8.14 -15.30
N ARG B 140 29.37 -8.90 -15.82
CA ARG B 140 29.18 -10.33 -16.17
C ARG B 140 28.79 -11.20 -14.98
N ASN B 141 29.04 -10.72 -13.77
CA ASN B 141 28.65 -11.36 -12.53
C ASN B 141 27.48 -10.73 -11.81
N CYS B 142 26.84 -9.73 -12.43
CA CYS B 142 25.53 -9.30 -12.00
C CYS B 142 24.53 -10.04 -12.85
N LEU B 143 23.47 -10.50 -12.20
CA LEU B 143 22.39 -11.21 -12.86
C LEU B 143 21.12 -10.43 -12.70
N VAL B 144 20.16 -10.64 -13.58
CA VAL B 144 18.93 -9.85 -13.58
C VAL B 144 17.72 -10.72 -13.28
N GLY B 145 16.74 -10.10 -12.64
CA GLY B 145 15.44 -10.67 -12.41
C GLY B 145 14.28 -9.76 -12.82
N GLU B 146 13.13 -10.09 -12.24
CA GLU B 146 11.82 -9.57 -12.60
C GLU B 146 11.83 -8.08 -12.21
N ASN B 147 11.34 -7.20 -13.10
CA ASN B 147 11.27 -5.71 -12.87
C ASN B 147 12.61 -5.00 -12.51
N HIS B 148 13.63 -5.29 -13.33
CA HIS B 148 14.98 -4.67 -13.23
C HIS B 148 15.76 -4.96 -11.94
N LEU B 149 15.43 -6.09 -11.30
CA LEU B 149 16.09 -6.52 -10.07
C LEU B 149 17.46 -7.04 -10.44
N VAL B 150 18.53 -6.46 -9.86
CA VAL B 150 19.91 -6.88 -10.11
C VAL B 150 20.49 -7.51 -8.84
N LYS B 151 21.20 -8.63 -8.97
CA LYS B 151 21.79 -9.32 -7.80
C LYS B 151 23.26 -9.68 -8.12
N VAL B 152 24.18 -9.31 -7.21
CA VAL B 152 25.59 -9.62 -7.39
C VAL B 152 25.75 -11.11 -7.12
N ALA B 153 26.57 -11.77 -7.92
CA ALA B 153 26.81 -13.22 -7.84
C ALA B 153 28.28 -13.61 -7.97
N ASP B 154 28.56 -14.92 -7.86
CA ASP B 154 29.90 -15.54 -7.84
C ASP B 154 30.77 -15.12 -6.68
N PHE B 155 30.68 -15.91 -5.63
CA PHE B 155 31.52 -15.72 -4.45
C PHE B 155 32.75 -16.66 -4.42
N GLY B 156 33.12 -17.25 -5.56
CA GLY B 156 34.30 -18.07 -5.62
C GLY B 156 35.56 -17.43 -5.03
N LEU B 157 35.75 -16.11 -5.26
CA LEU B 157 36.85 -15.32 -4.72
C LEU B 157 36.47 -14.42 -3.52
N SER B 158 35.45 -14.73 -2.73
CA SER B 158 35.09 -13.92 -1.54
C SER B 158 35.88 -14.25 -0.28
N ARG B 159 35.86 -13.39 0.72
CA ARG B 159 36.65 -13.56 1.92
C ARG B 159 36.08 -12.76 3.08
N LEU B 160 35.89 -13.41 4.24
CA LEU B 160 35.71 -12.70 5.55
C LEU B 160 37.07 -12.23 6.12
N MET B 161 37.31 -10.94 6.10
CA MET B 161 38.59 -10.39 6.51
C MET B 161 38.76 -10.07 7.99
N THR B 162 39.89 -10.49 8.56
CA THR B 162 40.53 -9.86 9.72
C THR B 162 41.27 -8.64 9.19
N GLY B 163 41.02 -7.47 9.77
CA GLY B 163 41.58 -6.20 9.26
C GLY B 163 40.87 -5.81 7.98
N ASP B 164 41.31 -4.74 7.30
CA ASP B 164 40.84 -4.47 5.91
C ASP B 164 41.94 -4.75 4.90
N THR B 165 42.70 -5.83 5.12
CA THR B 165 43.50 -6.41 4.05
C THR B 165 43.23 -7.92 3.99
N TYR B 166 43.15 -8.39 2.75
CA TYR B 166 43.39 -9.77 2.39
C TYR B 166 44.50 -9.74 1.33
N THR B 167 45.52 -10.58 1.44
CA THR B 167 46.56 -10.68 0.39
C THR B 167 46.63 -12.08 -0.25
N ALA B 168 46.53 -12.10 -1.57
CA ALA B 168 46.53 -13.31 -2.36
C ALA B 168 47.94 -13.72 -2.69
N HIS B 169 48.13 -15.02 -2.88
CA HIS B 169 49.30 -15.56 -3.60
C HIS B 169 49.72 -14.78 -4.87
N ALA B 170 51.02 -14.79 -5.20
CA ALA B 170 51.48 -14.40 -6.56
C ALA B 170 51.13 -15.52 -7.55
N GLY B 171 51.16 -15.22 -8.83
CA GLY B 171 50.64 -16.17 -9.83
C GLY B 171 49.14 -16.40 -9.80
N ALA B 172 48.44 -15.92 -8.76
CA ALA B 172 47.03 -15.57 -8.84
C ALA B 172 46.95 -14.40 -9.79
N LYS B 173 46.41 -14.64 -10.99
CA LYS B 173 46.16 -13.59 -11.99
C LYS B 173 44.72 -13.09 -11.86
N PHE B 174 44.54 -11.78 -12.01
CA PHE B 174 43.23 -11.15 -11.97
C PHE B 174 42.96 -10.32 -13.24
N PRO B 175 41.69 -10.13 -13.64
CA PRO B 175 41.34 -9.33 -14.82
C PRO B 175 41.79 -7.88 -14.74
N ILE B 176 42.66 -7.50 -15.66
CA ILE B 176 43.34 -6.22 -15.64
C ILE B 176 42.37 -5.05 -15.62
N LYS B 177 41.30 -5.14 -16.40
CA LYS B 177 40.40 -3.98 -16.58
C LYS B 177 39.44 -3.70 -15.43
N TRP B 178 39.37 -4.60 -14.49
CA TRP B 178 38.45 -4.47 -13.39
C TRP B 178 39.16 -4.36 -12.08
N THR B 179 40.42 -4.77 -12.01
CA THR B 179 41.14 -4.87 -10.77
C THR B 179 41.79 -3.56 -10.53
N ALA B 180 41.88 -3.21 -9.24
CA ALA B 180 42.50 -1.96 -8.83
C ALA B 180 43.98 -2.12 -8.97
N PRO B 181 44.73 -1.03 -9.17
CA PRO B 181 46.17 -1.02 -9.32
C PRO B 181 46.94 -1.83 -8.29
N GLU B 182 46.74 -1.48 -7.02
CA GLU B 182 47.50 -2.09 -5.92
C GLU B 182 47.15 -3.60 -5.78
N SER B 183 45.90 -3.94 -6.13
CA SER B 183 45.54 -5.34 -6.27
C SER B 183 46.27 -6.00 -7.43
N LEU B 184 46.40 -5.33 -8.59
CA LEU B 184 47.27 -5.83 -9.70
C LEU B 184 48.77 -5.92 -9.36
N ALA B 185 49.29 -4.96 -8.59
CA ALA B 185 50.72 -4.77 -8.38
C ALA B 185 51.26 -5.54 -7.16
N TYR B 186 50.49 -5.63 -6.08
CA TYR B 186 50.89 -6.29 -4.85
C TYR B 186 49.89 -7.34 -4.37
N ASN B 187 48.89 -7.72 -5.17
CA ASN B 187 47.85 -8.67 -4.73
C ASN B 187 47.22 -8.32 -3.35
N LYS B 188 47.11 -7.03 -3.04
CA LYS B 188 46.52 -6.52 -1.79
C LYS B 188 45.09 -6.16 -2.09
N PHE B 189 44.15 -6.95 -1.61
CA PHE B 189 42.73 -6.64 -1.75
C PHE B 189 42.16 -6.02 -0.48
N SER B 190 41.03 -5.33 -0.64
CA SER B 190 40.39 -4.62 0.45
C SER B 190 38.92 -4.28 0.08
N ILE B 191 38.22 -3.63 0.98
CA ILE B 191 36.95 -2.99 0.61
C ILE B 191 37.17 -1.91 -0.44
N LYS B 192 38.23 -1.13 -0.31
CA LYS B 192 38.55 -0.12 -1.33
C LYS B 192 38.90 -0.73 -2.68
N SER B 193 39.43 -1.95 -2.74
CA SER B 193 39.72 -2.54 -4.06
C SER B 193 38.39 -2.81 -4.78
N ASP B 194 37.41 -3.40 -4.10
CA ASP B 194 36.06 -3.56 -4.65
C ASP B 194 35.36 -2.26 -5.05
N VAL B 195 35.58 -1.19 -4.30
CA VAL B 195 35.09 0.13 -4.74
C VAL B 195 35.63 0.55 -6.17
N TRP B 196 36.89 0.22 -6.46
CA TRP B 196 37.46 0.48 -7.79
C TRP B 196 36.64 -0.23 -8.86
N ALA B 197 36.47 -1.54 -8.66
CA ALA B 197 35.72 -2.42 -9.55
C ALA B 197 34.32 -1.89 -9.69
N PHE B 198 33.68 -1.58 -8.58
CA PHE B 198 32.38 -0.97 -8.62
C PHE B 198 32.38 0.23 -9.59
N GLY B 199 33.41 1.10 -9.50
CA GLY B 199 33.67 2.18 -10.49
C GLY B 199 33.55 1.79 -11.95
N VAL B 200 34.13 0.64 -12.28
CA VAL B 200 34.12 0.07 -13.65
C VAL B 200 32.78 -0.57 -13.97
N LEU B 201 32.16 -1.16 -12.97
CA LEU B 201 30.82 -1.64 -13.10
C LEU B 201 29.90 -0.50 -13.51
N LEU B 202 30.10 0.68 -12.94
CA LEU B 202 29.23 1.80 -13.26
C LEU B 202 29.40 2.20 -14.71
N TRP B 203 30.65 2.08 -15.18
CA TRP B 203 31.04 2.45 -16.53
C TRP B 203 30.40 1.55 -17.50
N GLU B 204 30.32 0.26 -17.17
CA GLU B 204 29.69 -0.74 -18.08
C GLU B 204 28.21 -0.49 -18.17
N ILE B 205 27.61 -0.08 -17.06
CA ILE B 205 26.15 0.19 -17.00
C ILE B 205 25.87 1.42 -17.91
N ALA B 206 26.62 2.50 -17.64
CA ALA B 206 26.56 3.71 -18.42
C ALA B 206 26.66 3.54 -19.94
N THR B 207 27.51 2.64 -20.39
CA THR B 207 27.66 2.40 -21.81
C THR B 207 26.75 1.25 -22.30
N TYR B 208 25.74 0.80 -21.53
CA TYR B 208 24.94 -0.42 -21.92
C TYR B 208 25.82 -1.62 -22.35
N GLY B 209 26.93 -1.76 -21.64
CA GLY B 209 27.78 -2.94 -21.71
C GLY B 209 28.94 -2.92 -22.69
N MET B 210 29.49 -1.76 -22.95
CA MET B 210 30.75 -1.75 -23.67
C MET B 210 31.83 -2.39 -22.84
N SER B 211 32.72 -3.11 -23.50
CA SER B 211 33.96 -3.60 -22.93
C SER B 211 34.92 -2.41 -22.52
N PRO B 212 35.39 -2.34 -21.27
CA PRO B 212 36.26 -1.21 -20.83
C PRO B 212 37.58 -0.97 -21.59
N TYR B 213 38.09 0.24 -21.47
CA TYR B 213 39.27 0.70 -22.19
C TYR B 213 39.29 0.25 -23.64
N PRO B 214 38.17 0.41 -24.35
CA PRO B 214 37.96 -0.29 -25.65
C PRO B 214 39.08 0.12 -26.59
N GLY B 215 39.69 -0.83 -27.28
CA GLY B 215 40.77 -0.54 -28.22
C GLY B 215 42.17 -0.50 -27.62
N ILE B 216 42.28 -0.44 -26.29
CA ILE B 216 43.56 -0.35 -25.58
C ILE B 216 44.00 -1.77 -25.21
N ASP B 217 45.27 -2.11 -25.49
CA ASP B 217 45.83 -3.41 -25.21
C ASP B 217 46.02 -3.59 -23.69
N LEU B 218 45.74 -4.80 -23.22
CA LEU B 218 45.90 -5.15 -21.81
C LEU B 218 47.27 -4.86 -21.32
N SER B 219 48.31 -5.03 -22.15
CA SER B 219 49.66 -4.69 -21.74
C SER B 219 49.82 -3.26 -21.26
N GLN B 220 48.93 -2.35 -21.65
CA GLN B 220 49.09 -0.88 -21.41
C GLN B 220 48.30 -0.30 -20.29
N VAL B 221 47.28 -1.03 -19.88
CA VAL B 221 46.25 -0.56 -18.96
C VAL B 221 46.85 -0.18 -17.61
N TYR B 222 47.67 -1.02 -16.97
CA TYR B 222 48.39 -0.52 -15.77
C TYR B 222 49.21 0.81 -15.99
N GLU B 223 50.07 0.89 -17.03
CA GLU B 223 50.97 2.05 -17.21
C GLU B 223 50.15 3.30 -17.32
N LEU B 224 49.12 3.21 -18.16
CA LEU B 224 48.15 4.29 -18.38
C LEU B 224 47.56 4.82 -17.06
N LEU B 225 46.96 3.94 -16.25
CA LEU B 225 46.46 4.31 -14.89
C LEU B 225 47.57 4.85 -13.95
N GLU B 226 48.81 4.39 -14.01
CA GLU B 226 49.87 5.01 -13.20
C GLU B 226 50.18 6.45 -13.66
N LYS B 227 49.92 6.76 -14.93
CA LYS B 227 50.15 8.08 -15.50
C LYS B 227 48.85 8.89 -15.59
N ASP B 228 47.90 8.63 -14.69
CA ASP B 228 46.61 9.33 -14.60
C ASP B 228 45.56 9.16 -15.72
N TYR B 229 45.76 8.22 -16.66
CA TYR B 229 44.74 7.97 -17.67
C TYR B 229 43.51 7.39 -17.01
N ARG B 230 42.36 7.97 -17.25
CA ARG B 230 41.09 7.32 -16.93
C ARG B 230 40.13 7.53 -18.11
N MET B 231 39.20 6.57 -18.20
CA MET B 231 38.11 6.57 -19.16
C MET B 231 37.34 7.86 -19.11
N GLU B 232 37.08 8.43 -20.30
CA GLU B 232 36.17 9.55 -20.51
C GLU B 232 34.75 9.22 -20.05
N ARG B 233 34.01 10.27 -19.72
CA ARG B 233 32.60 10.17 -19.37
C ARG B 233 31.87 9.63 -20.60
N PRO B 234 31.12 8.54 -20.49
CA PRO B 234 30.31 8.07 -21.61
C PRO B 234 29.18 9.01 -21.95
N GLU B 235 28.77 9.05 -23.22
CA GLU B 235 27.61 9.83 -23.61
C GLU B 235 26.43 9.47 -22.71
N GLY B 236 25.73 10.47 -22.22
CA GLY B 236 24.50 10.25 -21.49
C GLY B 236 24.72 10.17 -20.00
N CYS B 237 25.95 10.01 -19.55
CA CYS B 237 26.24 9.77 -18.16
C CYS B 237 26.04 11.06 -17.40
N PRO B 238 25.15 11.10 -16.40
CA PRO B 238 24.98 12.31 -15.59
C PRO B 238 26.28 12.76 -15.01
N GLU B 239 26.55 14.05 -14.92
CA GLU B 239 27.79 14.54 -14.29
C GLU B 239 28.08 13.91 -12.90
N LYS B 240 27.07 13.77 -12.04
CA LYS B 240 27.32 13.36 -10.62
C LYS B 240 27.79 11.90 -10.54
N VAL B 241 27.18 11.04 -11.37
CA VAL B 241 27.61 9.65 -11.51
C VAL B 241 29.04 9.58 -12.07
N TYR B 242 29.39 10.41 -13.03
CA TYR B 242 30.77 10.42 -13.48
C TYR B 242 31.77 10.88 -12.39
N GLU B 243 31.46 11.92 -11.63
CA GLU B 243 32.29 12.29 -10.43
C GLU B 243 32.50 11.11 -9.43
N LEU B 244 31.51 10.26 -9.32
CA LEU B 244 31.52 9.13 -8.42
C LEU B 244 32.45 8.02 -8.97
N MET B 245 32.35 7.80 -10.28
CA MET B 245 33.33 6.95 -11.00
C MET B 245 34.80 7.35 -10.76
N ARG B 246 35.11 8.63 -10.88
CA ARG B 246 36.48 9.08 -10.69
C ARG B 246 36.93 8.94 -9.22
N ALA B 247 36.03 9.29 -8.31
CA ALA B 247 36.14 8.95 -6.90
C ALA B 247 36.56 7.51 -6.71
N CYS B 248 35.76 6.56 -7.22
CA CYS B 248 36.12 5.14 -7.19
C CYS B 248 37.47 4.78 -7.78
N TRP B 249 37.91 5.49 -8.82
CA TRP B 249 39.19 5.21 -9.46
C TRP B 249 40.37 6.01 -8.91
N GLN B 250 40.28 6.50 -7.67
CA GLN B 250 41.41 7.22 -7.03
C GLN B 250 42.57 6.25 -6.86
N TRP B 251 43.77 6.71 -7.24
CA TRP B 251 44.99 5.93 -7.11
C TRP B 251 45.15 5.34 -5.73
N ASN B 252 45.01 6.14 -4.66
CA ASN B 252 45.13 5.66 -3.28
C ASN B 252 43.80 5.09 -2.71
N PRO B 253 43.83 3.90 -2.11
CA PRO B 253 42.61 3.31 -1.54
C PRO B 253 41.89 4.17 -0.47
N SER B 254 42.64 4.83 0.40
CA SER B 254 42.04 5.70 1.44
C SER B 254 41.24 6.86 0.87
N ASP B 255 41.60 7.34 -0.35
CA ASP B 255 40.87 8.42 -1.07
C ASP B 255 39.52 8.02 -1.63
N ARG B 256 39.25 6.73 -1.79
CA ARG B 256 38.03 6.33 -2.49
C ARG B 256 36.93 6.31 -1.45
N PRO B 257 35.67 6.59 -1.79
CA PRO B 257 34.56 6.49 -0.81
C PRO B 257 34.31 5.09 -0.28
N SER B 258 33.57 5.02 0.82
CA SER B 258 32.99 3.78 1.33
C SER B 258 31.75 3.43 0.51
N PHE B 259 31.34 2.16 0.54
CA PHE B 259 30.03 1.76 0.01
C PHE B 259 28.83 2.37 0.72
N ALA B 260 28.97 2.76 1.98
CA ALA B 260 27.89 3.49 2.64
C ALA B 260 27.70 4.91 2.03
N GLU B 261 28.80 5.68 1.89
CA GLU B 261 28.83 6.95 1.11
C GLU B 261 28.24 6.83 -0.29
N ILE B 262 28.67 5.78 -1.02
CA ILE B 262 28.22 5.57 -2.41
C ILE B 262 26.67 5.35 -2.50
N HIS B 263 26.16 4.40 -1.74
CA HIS B 263 24.73 4.09 -1.72
C HIS B 263 23.90 5.28 -1.31
N GLN B 264 24.38 6.05 -0.34
CA GLN B 264 23.78 7.33 0.01
C GLN B 264 23.77 8.23 -1.22
N ALA B 265 24.89 8.40 -1.91
CA ALA B 265 24.88 9.21 -3.13
C ALA B 265 23.72 8.81 -4.07
N PHE B 266 23.53 7.48 -4.26
CA PHE B 266 22.53 6.92 -5.19
C PHE B 266 21.10 6.94 -4.70
N GLU B 267 20.91 6.74 -3.39
CA GLU B 267 19.62 7.01 -2.76
C GLU B 267 19.14 8.45 -3.11
N THR B 268 19.85 9.48 -2.66
CA THR B 268 19.58 10.89 -3.01
C THR B 268 19.11 11.10 -4.46
N MET B 269 19.94 10.64 -5.39
CA MET B 269 19.70 10.74 -6.84
C MET B 269 18.47 9.95 -7.31
N PHE B 270 18.42 8.63 -7.10
CA PHE B 270 17.23 7.79 -7.49
C PHE B 270 15.87 8.31 -6.85
N GLN B 271 15.94 9.21 -5.86
CA GLN B 271 14.81 10.08 -5.49
C GLN B 271 15.03 11.50 -6.04
N LYS C 7 -27.44 21.08 -7.83
CA LYS C 7 -28.32 21.28 -6.65
C LYS C 7 -29.01 19.99 -6.21
N TRP C 8 -29.28 19.94 -4.90
CA TRP C 8 -29.51 18.71 -4.14
C TRP C 8 -31.02 18.39 -4.05
N GLU C 9 -31.81 19.16 -4.81
CA GLU C 9 -33.22 19.27 -4.57
C GLU C 9 -33.81 18.02 -5.15
N MET C 10 -34.82 17.49 -4.48
CA MET C 10 -35.49 16.28 -4.93
C MET C 10 -36.96 16.37 -4.67
N GLU C 11 -37.71 15.48 -5.29
CA GLU C 11 -39.18 15.49 -5.24
C GLU C 11 -39.62 14.73 -3.98
N ARG C 12 -40.39 15.35 -3.08
CA ARG C 12 -40.81 14.66 -1.83
C ARG C 12 -41.62 13.35 -2.05
N THR C 13 -42.39 13.27 -3.15
CA THR C 13 -43.01 12.01 -3.65
C THR C 13 -42.10 10.78 -3.74
N ASP C 14 -40.84 11.00 -4.14
CA ASP C 14 -39.81 9.92 -4.21
C ASP C 14 -39.66 9.14 -2.91
N ILE C 15 -39.80 9.85 -1.78
CA ILE C 15 -39.56 9.32 -0.45
C ILE C 15 -40.87 8.84 0.24
N THR C 16 -40.84 7.59 0.74
CA THR C 16 -41.90 7.02 1.58
C THR C 16 -41.66 7.54 3.00
N MET C 17 -42.61 8.29 3.54
CA MET C 17 -42.58 8.65 4.96
C MET C 17 -43.07 7.49 5.81
N LYS C 18 -42.33 7.17 6.89
CA LYS C 18 -42.56 5.96 7.72
C LYS C 18 -42.83 6.24 9.23
N HIS C 19 -41.84 6.72 10.01
CA HIS C 19 -42.07 7.05 11.44
C HIS C 19 -41.09 8.03 12.09
N LYS C 20 -41.56 8.64 13.19
CA LYS C 20 -40.79 9.56 14.07
C LYS C 20 -39.56 8.88 14.69
N LEU C 21 -38.57 9.69 15.04
CA LEU C 21 -37.25 9.18 15.46
C LEU C 21 -36.39 10.31 16.07
N GLY C 27 -37.82 14.37 18.93
CA GLY C 27 -37.56 15.41 17.92
C GLY C 27 -38.10 15.14 16.52
N GLU C 28 -37.89 16.11 15.62
CA GLU C 28 -38.44 16.13 14.23
C GLU C 28 -37.64 15.35 13.12
N VAL C 29 -37.05 14.24 13.55
CA VAL C 29 -36.28 13.33 12.69
C VAL C 29 -37.21 12.15 12.32
N TYR C 30 -37.12 11.71 11.06
CA TYR C 30 -38.00 10.67 10.53
C TYR C 30 -37.22 9.69 9.64
N GLU C 31 -37.21 8.40 10.01
CA GLU C 31 -36.76 7.35 9.10
C GLU C 31 -37.73 7.35 7.95
N GLY C 32 -37.23 7.67 6.76
CA GLY C 32 -37.95 7.44 5.53
C GLY C 32 -37.41 6.22 4.83
N VAL C 33 -37.93 6.00 3.63
CA VAL C 33 -37.26 5.23 2.59
C VAL C 33 -37.22 6.16 1.36
N TRP C 34 -36.17 6.03 0.55
CA TRP C 34 -36.08 6.62 -0.79
C TRP C 34 -36.42 5.45 -1.74
N LYS C 35 -37.73 5.25 -1.95
CA LYS C 35 -38.34 4.02 -2.57
C LYS C 35 -37.70 3.56 -3.92
N LYS C 36 -37.18 4.51 -4.69
CA LYS C 36 -36.33 4.29 -5.89
C LYS C 36 -35.08 3.39 -5.69
N TYR C 37 -34.40 3.55 -4.55
CA TYR C 37 -33.17 2.80 -4.23
C TYR C 37 -33.48 1.77 -3.13
N THR C 40 -33.38 3.00 2.76
CA THR C 40 -33.70 3.69 4.01
C THR C 40 -32.79 4.92 4.22
N VAL C 41 -33.42 6.04 4.62
CA VAL C 41 -32.74 7.32 4.91
C VAL C 41 -33.33 8.05 6.13
N ALA C 42 -32.54 8.96 6.70
CA ALA C 42 -32.94 9.79 7.82
C ALA C 42 -33.33 11.16 7.27
N VAL C 43 -34.54 11.62 7.61
CA VAL C 43 -35.15 12.83 7.02
C VAL C 43 -35.62 13.81 8.12
N LYS C 44 -35.09 15.03 8.10
CA LYS C 44 -35.36 16.06 9.13
C LYS C 44 -36.38 17.07 8.59
N THR C 45 -37.45 17.34 9.37
CA THR C 45 -38.57 18.25 8.98
C THR C 45 -38.71 19.47 9.90
N LEU C 46 -39.34 20.54 9.35
CA LEU C 46 -39.53 21.84 10.00
C LEU C 46 -41.01 22.07 10.32
N LYS C 47 -41.28 22.72 11.46
CA LYS C 47 -42.65 22.78 12.05
C LYS C 47 -43.51 23.84 11.36
N ASP C 49 -44.58 26.07 9.19
CA ASP C 49 -44.41 27.51 8.90
C ASP C 49 -43.54 28.32 9.93
N THR C 50 -43.14 27.71 11.05
CA THR C 50 -42.79 28.45 12.26
C THR C 50 -41.40 29.13 12.27
N MET C 51 -41.36 30.29 12.95
CA MET C 51 -40.20 31.19 13.29
C MET C 51 -38.76 30.97 12.83
N GLU C 52 -38.14 29.89 13.26
CA GLU C 52 -36.69 29.63 13.03
C GLU C 52 -36.44 28.84 11.71
N VAL C 53 -37.04 29.34 10.63
CA VAL C 53 -36.89 28.83 9.25
C VAL C 53 -35.46 29.05 8.76
N GLU C 54 -34.88 30.18 9.16
CA GLU C 54 -33.52 30.49 8.77
C GLU C 54 -32.49 29.51 9.36
N GLU C 55 -32.71 29.06 10.60
CA GLU C 55 -31.83 28.10 11.25
C GLU C 55 -31.81 26.80 10.47
N PHE C 56 -32.99 26.35 10.09
CA PHE C 56 -33.15 25.12 9.30
C PHE C 56 -32.34 25.18 8.02
N LEU C 57 -32.51 26.30 7.33
CA LEU C 57 -31.76 26.56 6.13
C LEU C 57 -30.24 26.69 6.34
N LYS C 58 -29.76 27.43 7.36
CA LYS C 58 -28.31 27.38 7.72
C LYS C 58 -27.77 25.94 7.93
N GLU C 59 -28.58 25.06 8.52
CA GLU C 59 -28.18 23.68 8.74
C GLU C 59 -27.99 22.91 7.42
N ALA C 60 -28.99 22.97 6.53
CA ALA C 60 -28.90 22.35 5.19
C ALA C 60 -27.62 22.82 4.48
N ALA C 61 -27.41 24.14 4.49
CA ALA C 61 -26.29 24.78 3.80
C ALA C 61 -24.91 24.39 4.32
N VAL C 62 -24.78 24.16 5.62
CA VAL C 62 -23.54 23.58 6.20
C VAL C 62 -23.30 22.17 5.65
N MET C 63 -24.33 21.32 5.74
CA MET C 63 -24.22 19.93 5.25
C MET C 63 -23.83 19.74 3.76
N LYS C 64 -24.14 20.74 2.93
CA LYS C 64 -23.69 20.81 1.55
C LYS C 64 -22.16 21.05 1.35
N GLU C 65 -21.38 21.37 2.39
CA GLU C 65 -19.91 21.66 2.28
C GLU C 65 -18.98 20.55 2.89
N ILE C 66 -19.56 19.43 3.36
CA ILE C 66 -18.88 18.50 4.27
C ILE C 66 -19.03 17.09 3.73
N LYS C 67 -17.90 16.40 3.61
CA LYS C 67 -17.81 15.04 3.06
C LYS C 67 -16.78 14.28 3.89
N HIS C 68 -17.25 13.32 4.68
CA HIS C 68 -16.38 12.45 5.52
C HIS C 68 -17.18 11.23 6.06
N PRO C 69 -16.59 10.03 6.12
CA PRO C 69 -17.36 8.86 6.55
C PRO C 69 -17.60 8.70 8.07
N ASN C 70 -17.22 9.67 8.89
CA ASN C 70 -17.71 9.80 10.27
C ASN C 70 -18.42 11.12 10.53
N LEU C 71 -19.01 11.67 9.45
CA LEU C 71 -20.06 12.69 9.49
C LEU C 71 -21.26 12.06 8.82
N VAL C 72 -22.42 12.07 9.47
CA VAL C 72 -23.65 11.63 8.80
C VAL C 72 -23.85 12.47 7.49
N GLN C 73 -23.88 11.81 6.33
CA GLN C 73 -23.82 12.47 4.98
C GLN C 73 -25.17 12.96 4.44
N LEU C 74 -25.20 14.23 4.02
CA LEU C 74 -26.34 14.85 3.37
C LEU C 74 -26.39 14.32 1.94
N LEU C 75 -27.56 13.79 1.55
CA LEU C 75 -27.79 13.17 0.24
C LEU C 75 -28.60 14.12 -0.65
N GLY C 76 -29.74 14.56 -0.15
CA GLY C 76 -30.58 15.55 -0.81
C GLY C 76 -31.13 16.55 0.17
N VAL C 77 -31.85 17.53 -0.39
CA VAL C 77 -32.69 18.45 0.39
C VAL C 77 -34.03 18.57 -0.33
N CYS C 78 -34.87 19.48 0.19
CA CYS C 78 -35.88 20.15 -0.63
C CYS C 78 -36.23 21.48 0.06
N THR C 79 -35.90 22.58 -0.63
CA THR C 79 -36.04 23.95 -0.10
C THR C 79 -36.72 24.81 -1.21
N ARG C 80 -37.92 24.37 -1.60
CA ARG C 80 -38.78 25.00 -2.63
C ARG C 80 -40.13 25.42 -2.05
N GLU C 81 -40.86 24.47 -1.45
CA GLU C 81 -42.10 24.73 -0.71
C GLU C 81 -42.11 23.98 0.63
N PRO C 82 -42.92 24.39 1.62
CA PRO C 82 -43.17 23.58 2.84
C PRO C 82 -43.70 22.15 2.61
N PRO C 83 -43.81 21.35 3.69
CA PRO C 83 -42.79 21.28 4.74
C PRO C 83 -41.40 20.96 4.18
N PHE C 84 -40.39 21.75 4.54
CA PHE C 84 -39.01 21.51 4.10
C PHE C 84 -38.45 20.30 4.83
N TYR C 85 -37.71 19.48 4.09
CA TYR C 85 -37.05 18.30 4.60
C TYR C 85 -35.55 18.40 4.31
N ILE C 86 -34.73 17.83 5.21
CA ILE C 86 -33.31 17.49 4.93
C ILE C 86 -33.17 15.94 4.89
N ILE C 87 -32.35 15.42 3.95
CA ILE C 87 -32.16 13.97 3.68
C ILE C 87 -30.69 13.52 3.91
N THR C 88 -30.48 12.55 4.79
CA THR C 88 -29.15 12.02 5.11
C THR C 88 -29.14 10.49 5.09
N GLU C 89 -28.01 9.89 5.42
CA GLU C 89 -27.93 8.42 5.61
C GLU C 89 -28.48 8.00 6.97
N PHE C 90 -29.20 6.88 6.96
CA PHE C 90 -29.75 6.28 8.16
C PHE C 90 -28.61 5.56 8.86
N MET C 91 -28.48 5.79 10.16
CA MET C 91 -27.52 5.11 11.03
C MET C 91 -28.40 4.26 11.97
N THR C 92 -28.22 2.93 11.89
CA THR C 92 -29.17 1.91 12.40
C THR C 92 -29.41 1.86 13.91
N TYR C 93 -28.39 2.15 14.72
CA TYR C 93 -28.49 2.04 16.18
C TYR C 93 -28.62 3.37 16.96
N GLY C 94 -28.53 4.52 16.28
CA GLY C 94 -28.95 5.80 16.91
C GLY C 94 -28.02 6.39 17.95
N ASN C 95 -28.57 7.05 18.98
CA ASN C 95 -27.78 7.86 19.94
C ASN C 95 -26.86 7.08 20.92
N LEU C 96 -25.63 7.56 21.01
CA LEU C 96 -24.58 6.88 21.72
C LEU C 96 -24.79 6.88 23.25
N LEU C 97 -25.29 8.00 23.82
CA LEU C 97 -25.53 8.09 25.28
C LEU C 97 -26.38 6.94 25.82
N ASP C 98 -27.52 6.71 25.15
CA ASP C 98 -28.43 5.63 25.52
C ASP C 98 -27.86 4.27 25.15
N TYR C 99 -27.31 4.15 23.94
CA TYR C 99 -26.62 2.91 23.52
C TYR C 99 -25.68 2.33 24.58
N LEU C 100 -24.79 3.18 25.11
CA LEU C 100 -23.78 2.78 26.08
C LEU C 100 -24.29 2.47 27.47
N ARG C 101 -25.30 3.19 27.95
CA ARG C 101 -25.97 2.83 29.22
C ARG C 101 -26.69 1.46 29.18
N GLU C 102 -27.10 1.01 27.98
CA GLU C 102 -27.99 -0.14 27.78
C GLU C 102 -27.33 -1.39 27.09
N CYS C 103 -26.13 -1.25 26.53
CA CYS C 103 -25.42 -2.37 25.85
C CYS C 103 -24.80 -3.41 26.79
N ASN C 104 -24.36 -4.52 26.19
CA ASN C 104 -23.54 -5.56 26.86
C ASN C 104 -22.07 -5.12 26.78
N ARG C 105 -21.46 -4.85 27.95
CA ARG C 105 -20.11 -4.21 28.03
C ARG C 105 -18.94 -5.12 27.66
N GLN C 106 -19.13 -6.44 27.74
CA GLN C 106 -18.11 -7.43 27.33
C GLN C 106 -17.92 -7.35 25.80
N GLU C 107 -19.04 -7.26 25.08
CA GLU C 107 -19.02 -7.03 23.63
C GLU C 107 -18.45 -5.63 23.33
N VAL C 108 -18.95 -4.59 24.01
CA VAL C 108 -18.47 -3.20 23.83
C VAL C 108 -17.19 -2.95 24.72
N ASN C 109 -16.12 -3.68 24.43
CA ASN C 109 -14.91 -3.73 25.30
C ASN C 109 -14.02 -2.48 25.15
N ALA C 110 -12.92 -2.45 25.89
CA ALA C 110 -11.94 -1.34 25.84
C ALA C 110 -11.51 -0.92 24.43
N VAL C 111 -11.32 -1.93 23.57
CA VAL C 111 -10.95 -1.72 22.16
C VAL C 111 -12.04 -0.99 21.34
N VAL C 112 -13.32 -1.30 21.64
CA VAL C 112 -14.48 -0.76 20.89
C VAL C 112 -14.61 0.75 21.21
N LEU C 113 -14.62 1.10 22.50
CA LEU C 113 -14.55 2.50 23.00
C LEU C 113 -13.38 3.29 22.40
N LEU C 114 -12.25 2.61 22.22
CA LEU C 114 -11.08 3.18 21.55
C LEU C 114 -11.36 3.49 20.10
N TYR C 115 -12.11 2.60 19.44
CA TYR C 115 -12.46 2.71 17.99
C TYR C 115 -13.48 3.83 17.77
N MET C 116 -14.54 3.82 18.58
CA MET C 116 -15.59 4.87 18.56
C MET C 116 -14.98 6.25 18.75
N ALA C 117 -14.03 6.35 19.69
CA ALA C 117 -13.23 7.58 19.87
C ALA C 117 -12.33 7.95 18.70
N THR C 118 -11.77 6.96 18.04
CA THR C 118 -10.90 7.21 16.88
C THR C 118 -11.67 7.75 15.65
N GLN C 119 -12.85 7.19 15.40
CA GLN C 119 -13.75 7.65 14.34
C GLN C 119 -14.24 9.11 14.49
N ILE C 120 -14.55 9.48 15.73
CA ILE C 120 -15.00 10.82 16.03
C ILE C 120 -13.83 11.82 15.95
N SER C 121 -12.62 11.44 16.40
CA SER C 121 -11.43 12.32 16.28
C SER C 121 -11.03 12.69 14.81
N SER C 122 -11.37 11.82 13.84
CA SER C 122 -11.06 12.03 12.42
C SER C 122 -12.02 12.99 11.73
N ALA C 123 -13.32 12.79 11.95
CA ALA C 123 -14.36 13.75 11.54
C ALA C 123 -14.06 15.14 12.09
N MET C 124 -13.73 15.21 13.39
CA MET C 124 -13.30 16.46 14.01
C MET C 124 -12.00 17.03 13.46
N GLU C 125 -11.04 16.18 13.09
CA GLU C 125 -9.87 16.65 12.34
C GLU C 125 -10.27 17.26 10.98
N TYR C 126 -11.27 16.64 10.31
CA TYR C 126 -11.75 17.11 8.98
C TYR C 126 -12.37 18.50 9.06
N LEU C 127 -13.35 18.65 9.95
CA LEU C 127 -14.03 19.91 10.20
C LEU C 127 -13.03 21.01 10.57
N GLU C 128 -12.08 20.69 11.45
CA GLU C 128 -11.02 21.64 11.88
C GLU C 128 -10.20 22.21 10.70
N LYS C 129 -9.79 21.30 9.82
CA LYS C 129 -9.11 21.65 8.57
C LYS C 129 -9.96 22.63 7.74
N LYS C 130 -11.29 22.37 7.67
CA LYS C 130 -12.26 23.24 6.94
C LYS C 130 -12.69 24.56 7.66
N ASN C 131 -12.13 24.84 8.83
CA ASN C 131 -12.53 25.98 9.68
C ASN C 131 -14.05 26.00 10.04
N PHE C 132 -14.59 24.81 10.34
CA PHE C 132 -15.96 24.63 10.90
C PHE C 132 -15.95 24.34 12.39
N ILE C 133 -17.00 24.79 13.10
CA ILE C 133 -17.35 24.38 14.47
C ILE C 133 -18.62 23.54 14.41
N HIS C 134 -18.71 22.53 15.27
CA HIS C 134 -19.96 21.78 15.45
C HIS C 134 -20.83 22.39 16.53
N ARG C 135 -20.23 22.77 17.67
CA ARG C 135 -20.92 23.43 18.81
C ARG C 135 -21.92 22.61 19.62
N ASP C 136 -22.07 21.33 19.32
CA ASP C 136 -23.02 20.45 20.07
C ASP C 136 -22.58 19.00 20.12
N LEU C 137 -21.29 18.84 20.32
CA LEU C 137 -20.63 17.56 20.35
C LEU C 137 -20.88 16.91 21.72
N ALA C 138 -21.59 15.79 21.69
CA ALA C 138 -21.99 15.07 22.88
C ALA C 138 -22.36 13.64 22.46
N ALA C 139 -22.33 12.73 23.41
CA ALA C 139 -22.69 11.31 23.16
C ALA C 139 -24.15 11.21 22.73
N ARG C 140 -25.02 11.96 23.38
CA ARG C 140 -26.43 12.04 22.95
C ARG C 140 -26.64 12.50 21.47
N ASN C 141 -25.64 13.23 20.92
CA ASN C 141 -25.59 13.67 19.51
C ASN C 141 -24.71 12.83 18.55
N CYS C 142 -24.20 11.68 19.02
CA CYS C 142 -23.60 10.69 18.11
C CYS C 142 -24.54 9.61 17.59
N LEU C 143 -24.16 9.07 16.43
CA LEU C 143 -24.94 8.07 15.74
C LEU C 143 -24.06 6.88 15.45
N VAL C 144 -24.62 5.69 15.73
CA VAL C 144 -23.91 4.41 15.70
C VAL C 144 -24.52 3.55 14.61
N GLY C 145 -23.68 3.13 13.66
CA GLY C 145 -24.03 2.09 12.70
C GLY C 145 -23.79 0.68 13.27
N GLU C 146 -24.39 -0.33 12.64
CA GLU C 146 -24.02 -1.73 12.88
C GLU C 146 -22.50 -1.88 12.74
N ASN C 147 -21.94 -2.86 13.46
CA ASN C 147 -20.48 -3.11 13.49
C ASN C 147 -19.66 -1.91 13.96
N HIS C 148 -20.23 -1.13 14.88
CA HIS C 148 -19.54 -0.05 15.57
C HIS C 148 -18.87 1.01 14.68
N LEU C 149 -19.43 1.24 13.48
CA LEU C 149 -19.18 2.49 12.73
C LEU C 149 -19.89 3.61 13.52
N VAL C 150 -19.21 4.74 13.70
CA VAL C 150 -19.78 5.92 14.40
C VAL C 150 -19.64 7.20 13.55
N LYS C 151 -20.72 8.00 13.47
CA LYS C 151 -20.69 9.33 12.80
C LYS C 151 -21.26 10.43 13.69
N VAL C 152 -20.64 11.61 13.60
CA VAL C 152 -21.09 12.77 14.35
C VAL C 152 -22.36 13.28 13.64
N ALA C 153 -23.42 13.48 14.43
CA ALA C 153 -24.69 13.98 13.95
C ALA C 153 -24.93 15.45 14.38
N ASP C 154 -26.09 15.94 13.94
CA ASP C 154 -26.81 17.08 14.50
C ASP C 154 -26.09 18.36 14.27
N PHE C 155 -26.17 18.83 13.02
CA PHE C 155 -25.41 20.02 12.62
C PHE C 155 -26.14 21.35 12.81
N GLY C 156 -27.31 21.33 13.47
CA GLY C 156 -28.12 22.51 13.80
C GLY C 156 -27.46 23.76 14.36
N LEU C 157 -26.27 23.63 14.96
CA LEU C 157 -25.48 24.76 15.48
C LEU C 157 -24.14 24.92 14.82
N SER C 158 -23.89 24.14 13.78
CA SER C 158 -22.62 24.21 13.08
C SER C 158 -22.48 25.50 12.28
N ARG C 159 -21.24 25.97 12.14
CA ARG C 159 -20.92 27.19 11.42
C ARG C 159 -19.61 27.02 10.69
N LEU C 160 -19.52 27.52 9.46
CA LEU C 160 -18.21 27.82 8.84
C LEU C 160 -17.70 29.09 9.47
N MET C 161 -16.67 28.99 10.29
CA MET C 161 -16.09 30.18 10.89
C MET C 161 -15.41 31.10 9.88
N THR C 162 -15.41 32.40 10.16
CA THR C 162 -14.59 33.39 9.43
C THR C 162 -13.48 33.84 10.37
N GLY C 163 -12.50 32.95 10.56
CA GLY C 163 -11.41 33.16 11.52
C GLY C 163 -11.53 32.17 12.67
N ASP C 164 -11.25 32.65 13.89
CA ASP C 164 -10.98 31.79 15.08
C ASP C 164 -11.95 32.05 16.25
N THR C 165 -13.17 32.47 15.93
CA THR C 165 -14.11 33.02 16.92
C THR C 165 -15.45 33.14 16.25
N TYR C 166 -16.47 32.43 16.77
CA TYR C 166 -17.87 32.67 16.43
C TYR C 166 -18.62 32.94 17.73
N THR C 167 -19.32 34.08 17.76
CA THR C 167 -19.89 34.63 18.97
C THR C 167 -21.38 34.44 18.89
N ALA C 168 -21.92 33.69 19.87
CA ALA C 168 -23.36 33.52 20.00
C ALA C 168 -23.98 34.81 20.58
N HIS C 169 -25.26 35.01 20.34
CA HIS C 169 -26.08 36.02 21.03
C HIS C 169 -26.04 35.80 22.56
N ALA C 170 -26.19 36.90 23.31
CA ALA C 170 -26.56 36.85 24.75
C ALA C 170 -27.90 36.15 24.83
N GLY C 171 -28.22 35.44 25.88
CA GLY C 171 -29.51 34.69 25.91
C GLY C 171 -29.70 33.60 24.84
N ALA C 172 -28.59 33.14 24.27
CA ALA C 172 -28.49 31.80 23.71
C ALA C 172 -27.97 31.05 24.92
N LYS C 173 -28.58 29.89 25.18
CA LYS C 173 -28.31 29.10 26.37
C LYS C 173 -27.81 27.71 25.92
N PHE C 174 -27.03 27.03 26.76
CA PHE C 174 -26.23 25.86 26.34
C PHE C 174 -26.14 24.76 27.37
N PRO C 175 -25.77 23.53 26.95
CA PRO C 175 -25.39 22.45 27.91
C PRO C 175 -24.16 22.85 28.70
N ILE C 176 -24.34 23.13 29.99
CA ILE C 176 -23.28 23.58 30.92
C ILE C 176 -22.11 22.60 31.00
N LYS C 177 -22.47 21.35 31.31
CA LYS C 177 -21.54 20.23 31.50
C LYS C 177 -20.58 19.96 30.33
N TRP C 178 -21.01 20.29 29.11
CA TRP C 178 -20.23 20.07 27.87
C TRP C 178 -19.55 21.32 27.31
N THR C 179 -19.98 22.50 27.74
CA THR C 179 -19.57 23.76 27.13
C THR C 179 -18.39 24.39 27.85
N ALA C 180 -17.36 24.75 27.07
CA ALA C 180 -16.08 25.25 27.53
C ALA C 180 -16.23 26.57 28.21
N PRO C 181 -15.37 26.91 29.17
CA PRO C 181 -15.65 28.04 30.08
C PRO C 181 -15.75 29.38 29.36
N GLU C 182 -14.75 29.71 28.53
CA GLU C 182 -14.86 30.94 27.72
C GLU C 182 -16.16 31.04 26.90
N SER C 183 -16.74 29.90 26.53
CA SER C 183 -18.05 29.88 25.91
C SER C 183 -19.13 30.23 26.90
N LEU C 184 -19.12 29.60 28.07
CA LEU C 184 -20.13 29.90 29.10
C LEU C 184 -20.12 31.37 29.56
N ALA C 185 -18.93 31.93 29.76
CA ALA C 185 -18.79 33.28 30.29
C ALA C 185 -18.89 34.26 29.14
N TYR C 186 -17.91 34.17 28.22
CA TYR C 186 -17.74 35.12 27.08
C TYR C 186 -18.67 34.85 25.85
N ASN C 187 -19.48 33.76 25.87
CA ASN C 187 -20.43 33.34 24.81
C ASN C 187 -19.79 33.19 23.38
N LYS C 188 -18.54 32.73 23.39
CA LYS C 188 -17.62 32.73 22.24
C LYS C 188 -17.20 31.31 21.99
N PHE C 189 -17.20 30.89 20.74
CA PHE C 189 -16.94 29.51 20.39
C PHE C 189 -15.82 29.44 19.40
N SER C 190 -15.03 28.38 19.51
CA SER C 190 -13.80 28.18 18.69
C SER C 190 -13.71 26.72 18.38
N ILE C 191 -12.76 26.33 17.56
CA ILE C 191 -12.59 24.91 17.31
C ILE C 191 -11.99 24.27 18.58
N LYS C 192 -11.21 25.06 19.32
CA LYS C 192 -10.81 24.78 20.72
C LYS C 192 -11.95 24.53 21.72
N SER C 193 -13.08 25.21 21.56
CA SER C 193 -14.26 24.94 22.39
C SER C 193 -14.90 23.59 22.04
N ASP C 194 -14.89 23.19 20.76
CA ASP C 194 -15.23 21.79 20.35
C ASP C 194 -14.27 20.73 20.93
N VAL C 195 -13.02 21.13 21.16
CA VAL C 195 -12.00 20.26 21.76
C VAL C 195 -12.37 19.94 23.21
N TRP C 196 -12.65 20.96 23.99
CA TRP C 196 -13.21 20.76 25.32
C TRP C 196 -14.40 19.80 25.29
N ALA C 197 -15.38 20.10 24.42
CA ALA C 197 -16.55 19.23 24.28
C ALA C 197 -16.17 17.76 23.96
N PHE C 198 -15.18 17.59 23.06
CA PHE C 198 -14.65 16.25 22.71
C PHE C 198 -14.12 15.54 23.94
N GLY C 199 -13.34 16.28 24.76
CA GLY C 199 -12.89 15.81 26.08
C GLY C 199 -14.01 15.23 26.92
N VAL C 200 -15.14 15.94 27.02
CA VAL C 200 -16.26 15.52 27.84
C VAL C 200 -16.89 14.31 27.23
N LEU C 201 -17.00 14.35 25.90
CA LEU C 201 -17.50 13.19 25.14
C LEU C 201 -16.67 11.94 25.42
N LEU C 202 -15.34 12.08 25.55
CA LEU C 202 -14.53 10.91 25.94
C LEU C 202 -15.03 10.35 27.25
N TRP C 203 -15.20 11.24 28.23
CA TRP C 203 -15.61 10.87 29.60
C TRP C 203 -16.93 10.12 29.55
N GLU C 204 -17.91 10.61 28.80
CA GLU C 204 -19.16 9.84 28.56
C GLU C 204 -18.84 8.45 28.03
N ILE C 205 -18.02 8.37 26.97
CA ILE C 205 -17.63 7.05 26.41
C ILE C 205 -17.00 6.19 27.47
N ALA C 206 -15.96 6.70 28.13
CA ALA C 206 -15.22 6.03 29.23
C ALA C 206 -16.13 5.42 30.28
N THR C 207 -17.08 6.20 30.76
CA THR C 207 -18.04 5.75 31.80
C THR C 207 -19.23 4.89 31.33
N TYR C 208 -19.31 4.59 30.03
CA TYR C 208 -20.52 4.07 29.38
C TYR C 208 -21.79 4.84 29.76
N GLY C 209 -21.75 6.16 29.58
CA GLY C 209 -22.94 7.03 29.66
C GLY C 209 -23.32 7.66 30.99
N MET C 210 -22.37 7.86 31.91
CA MET C 210 -22.63 8.65 33.13
C MET C 210 -22.81 10.17 32.84
N SER C 211 -23.54 10.82 33.73
CA SER C 211 -23.78 12.25 33.65
C SER C 211 -22.50 12.94 34.08
N PRO C 212 -21.98 13.83 33.24
CA PRO C 212 -20.79 14.60 33.63
C PRO C 212 -20.95 15.41 34.91
N TYR C 213 -19.81 15.71 35.54
CA TYR C 213 -19.71 16.38 36.84
C TYR C 213 -20.70 15.78 37.86
N PRO C 214 -20.44 14.52 38.22
CA PRO C 214 -21.51 13.58 38.52
C PRO C 214 -22.22 13.97 39.82
N GLY C 215 -23.52 14.28 39.72
CA GLY C 215 -24.32 14.70 40.89
C GLY C 215 -24.13 16.12 41.45
N ILE C 216 -23.25 16.94 40.86
CA ILE C 216 -23.11 18.38 41.17
C ILE C 216 -24.28 19.17 40.54
N ASP C 217 -24.75 20.21 41.24
CA ASP C 217 -25.66 21.26 40.67
C ASP C 217 -24.91 22.29 39.80
N LEU C 218 -25.55 22.64 38.68
CA LEU C 218 -24.93 23.37 37.54
C LEU C 218 -24.38 24.77 37.85
N SER C 219 -24.90 25.39 38.92
CA SER C 219 -24.52 26.76 39.35
C SER C 219 -23.01 26.95 39.61
N GLN C 220 -22.39 25.97 40.28
CA GLN C 220 -20.98 26.07 40.75
C GLN C 220 -19.94 25.48 39.84
N VAL C 221 -20.39 24.60 38.93
CA VAL C 221 -19.60 24.10 37.78
C VAL C 221 -18.58 25.15 37.30
N TYR C 222 -19.04 26.36 36.99
CA TYR C 222 -18.15 27.34 36.37
C TYR C 222 -16.93 27.75 37.24
N GLU C 223 -17.17 28.30 38.44
CA GLU C 223 -16.09 28.71 39.38
C GLU C 223 -15.04 27.60 39.60
N LEU C 224 -15.53 26.37 39.74
CA LEU C 224 -14.68 25.17 39.88
C LEU C 224 -13.59 25.03 38.80
N LEU C 225 -13.97 25.22 37.54
CA LEU C 225 -13.07 24.96 36.41
C LEU C 225 -11.96 26.03 36.44
N GLU C 226 -12.39 27.30 36.46
CA GLU C 226 -11.55 28.51 36.76
C GLU C 226 -10.49 28.33 37.85
N LYS C 227 -10.87 27.62 38.90
CA LYS C 227 -9.98 27.33 40.02
C LYS C 227 -9.34 25.89 39.93
N ASP C 228 -9.20 25.34 38.72
CA ASP C 228 -8.37 24.16 38.38
C ASP C 228 -8.97 22.74 38.55
N TYR C 229 -10.14 22.59 39.17
CA TYR C 229 -10.80 21.26 39.28
C TYR C 229 -11.31 20.70 37.94
N ARG C 230 -11.11 19.40 37.72
CA ARG C 230 -11.62 18.65 36.56
C ARG C 230 -12.32 17.37 37.02
N MET C 231 -12.88 16.60 36.10
CA MET C 231 -13.41 15.28 36.48
C MET C 231 -12.23 14.34 36.69
N GLU C 232 -12.40 13.43 37.64
CA GLU C 232 -11.38 12.41 37.94
C GLU C 232 -11.41 11.32 36.87
N ARG C 233 -10.27 10.68 36.62
CA ARG C 233 -10.13 9.57 35.66
C ARG C 233 -11.07 8.44 36.01
N PRO C 234 -12.02 8.07 35.16
CA PRO C 234 -12.95 6.98 35.50
C PRO C 234 -12.24 5.61 35.53
N GLU C 235 -12.90 4.61 36.14
CA GLU C 235 -12.33 3.28 36.33
C GLU C 235 -11.91 2.66 34.97
N GLY C 236 -10.68 2.15 34.93
CA GLY C 236 -10.16 1.46 33.77
C GLY C 236 -9.89 2.32 32.56
N CYS C 237 -9.71 3.61 32.76
CA CYS C 237 -9.39 4.51 31.69
C CYS C 237 -7.86 4.57 31.46
N PRO C 238 -7.38 4.22 30.25
CA PRO C 238 -5.94 4.26 29.94
C PRO C 238 -5.22 5.57 30.29
N GLU C 239 -4.04 5.42 30.91
CA GLU C 239 -3.01 6.46 31.04
C GLU C 239 -3.18 7.59 29.99
N LYS C 240 -3.00 7.25 28.72
CA LYS C 240 -2.92 8.27 27.66
C LYS C 240 -4.26 8.94 27.36
N VAL C 241 -5.34 8.15 27.39
CA VAL C 241 -6.72 8.63 27.15
C VAL C 241 -7.09 9.73 28.16
N TYR C 242 -6.74 9.55 29.42
CA TYR C 242 -6.98 10.56 30.47
C TYR C 242 -6.10 11.79 30.36
N GLU C 243 -4.83 11.63 30.02
CA GLU C 243 -3.95 12.79 29.77
C GLU C 243 -4.51 13.65 28.63
N LEU C 244 -5.02 12.96 27.59
CA LEU C 244 -5.73 13.56 26.45
C LEU C 244 -6.97 14.33 26.93
N MET C 245 -7.96 13.62 27.51
CA MET C 245 -9.10 14.26 28.16
C MET C 245 -8.74 15.59 28.80
N ARG C 246 -7.72 15.54 29.65
CA ARG C 246 -7.31 16.63 30.52
C ARG C 246 -6.64 17.78 29.78
N ALA C 247 -6.04 17.48 28.62
CA ALA C 247 -5.40 18.49 27.73
C ALA C 247 -6.45 19.31 27.00
N CYS C 248 -7.58 18.68 26.67
CA CYS C 248 -8.77 19.42 26.19
C CYS C 248 -9.43 20.22 27.26
N TRP C 249 -9.32 19.83 28.52
CA TRP C 249 -9.91 20.61 29.58
C TRP C 249 -8.95 21.66 30.16
N GLN C 250 -7.82 21.96 29.48
CA GLN C 250 -6.97 23.03 29.92
C GLN C 250 -7.71 24.35 29.76
N TRP C 251 -7.88 25.02 30.91
CA TRP C 251 -8.61 26.29 31.10
C TRP C 251 -8.53 27.28 29.94
N ASN C 252 -7.29 27.58 29.57
CA ASN C 252 -7.04 28.55 28.53
C ASN C 252 -7.13 27.81 27.18
N PRO C 253 -8.06 28.19 26.26
CA PRO C 253 -8.07 27.68 24.87
C PRO C 253 -6.70 27.44 24.21
N SER C 254 -5.80 28.44 24.32
CA SER C 254 -4.45 28.41 23.74
C SER C 254 -3.70 27.10 24.01
N ASP C 255 -3.91 26.53 25.20
CA ASP C 255 -3.25 25.28 25.65
C ASP C 255 -3.58 24.09 24.76
N ARG C 256 -4.88 23.89 24.54
CA ARG C 256 -5.45 22.61 24.12
C ARG C 256 -4.86 22.05 22.83
N PRO C 257 -4.94 20.74 22.61
CA PRO C 257 -4.39 20.17 21.39
C PRO C 257 -5.31 20.45 20.23
N SER C 258 -4.82 20.15 19.04
CA SER C 258 -5.61 20.19 17.83
C SER C 258 -6.26 18.83 17.69
N PHE C 259 -7.36 18.80 16.94
CA PHE C 259 -7.97 17.55 16.48
C PHE C 259 -7.08 16.79 15.52
N ALA C 260 -6.11 17.49 14.92
CA ALA C 260 -4.93 16.90 14.28
C ALA C 260 -4.06 16.07 15.25
N GLU C 261 -3.68 16.68 16.37
CA GLU C 261 -3.03 15.94 17.48
C GLU C 261 -3.91 14.79 18.06
N ILE C 262 -5.20 15.06 18.25
CA ILE C 262 -6.11 14.09 18.90
C ILE C 262 -6.34 12.82 18.04
N HIS C 263 -6.52 12.99 16.74
CA HIS C 263 -6.54 11.86 15.81
C HIS C 263 -5.21 11.12 15.82
N GLN C 264 -4.10 11.84 15.98
CA GLN C 264 -2.75 11.23 15.95
C GLN C 264 -2.56 10.24 17.07
N ALA C 265 -2.83 10.69 18.29
CA ALA C 265 -2.86 9.84 19.46
C ALA C 265 -3.80 8.65 19.24
N PHE C 266 -5.04 8.94 18.88
CA PHE C 266 -6.06 7.90 18.77
C PHE C 266 -5.88 6.92 17.62
N GLU C 267 -5.21 7.33 16.54
CA GLU C 267 -4.81 6.38 15.46
C GLU C 267 -3.72 5.44 16.04
N THR C 268 -2.68 6.04 16.65
CA THR C 268 -1.61 5.31 17.36
C THR C 268 -2.16 4.32 18.41
N MET C 269 -2.77 4.83 19.50
CA MET C 269 -3.33 4.00 20.59
C MET C 269 -4.20 2.82 20.13
N PHE C 270 -4.98 3.04 19.08
CA PHE C 270 -5.90 2.03 18.52
C PHE C 270 -5.22 0.78 17.95
N GLN C 271 -4.57 0.88 16.78
CA GLN C 271 -4.00 -0.31 16.07
C GLN C 271 -2.76 -0.95 16.77
N GLU C 272 -2.17 -0.24 17.73
CA GLU C 272 -1.32 -0.86 18.76
C GLU C 272 -2.17 -1.80 19.62
N SER C 273 -3.26 -1.28 20.17
CA SER C 273 -4.25 -2.08 20.93
C SER C 273 -4.99 -3.05 20.01
#